data_1CS4
#
_entry.id   1CS4
#
_cell.length_a   118.5
_cell.length_b   134.5
_cell.length_c   71.3
_cell.angle_alpha   90
_cell.angle_beta   90
_cell.angle_gamma   90
#
_symmetry.space_group_name_H-M   'P 21 21 2'
#
loop_
_entity.id
_entity.type
_entity.pdbx_description
1 polymer 'TYPE V ADENYLATE CYCLASE'
2 polymer 'TYPE II ADENYLATE CYCLASE'
3 polymer 'GUANINE NUCLEOTIDE-BINDING PROTEIN G(S)'
4 non-polymer 'MAGNESIUM ION'
5 non-polymer FORSKOLIN
6 non-polymer '2-(N-MORPHOLINO)-ETHANESULFONIC ACID'
7 non-polymer 'PYROPHOSPHATE 2-'
8 non-polymer "2'-DEOXY-ADENOSINE 3'-MONOPHOSPHATE"
9 non-polymer 'CHLORIDE ION'
10 non-polymer "5'-GUANOSINE-DIPHOSPHATE-MONOTHIOPHOSPHATE"
11 water water
#
loop_
_entity_poly.entity_id
_entity_poly.type
_entity_poly.pdbx_seq_one_letter_code
_entity_poly.pdbx_strand_id
1 'polypeptide(L)'
;MHHHHHHAMEMKADINAKQEDMMFHKIYIQKHDNVSILFADIEGFTSLASQCTAQELVMTLNELFARFDKLAAENHCLRI
KILGDCYYCVSGLPEARADHAHCCVEMGMDMIEAISLVREMTGVNVNMRVGIHSGRVHCGVLGLRKWQFDVWSNDVTLAN
HMEAGGKAGRIHITKATLSYLNGDYEVEPGCGGERNAYLKEHSIETFLILRCTQKRKEEKAMIAK
;
A
2 'polypeptide(L)'
;RSLKNEELYHQSYDCVCVMFASIPDFKEFYTESDVNKEGLECLRLLNEIIADFDDLLSKPKFSGVEKIKTIGSTYMAATG
LSAIPSQEHAQEPERQYMHIGTMVEFAYALVGKLDAINKHSFNDFKLRVGINHGPVIAGVIGAQKPQYDIWGNTVNVASR
MDSTGVLDKIQVTEETSLILQTLGYTCTCRGIINVKGKGDLKTYFVNTEMSR
;
B
3 'polypeptide(L)'
;MGCLGNSKTEDQRNEEKAQREANKKIEKQLQKDKQVYRATHRLLLLGAGESGKSTIVKQMRILHVNGFNGEGGEEDPQAA
RSNSDGEKATKVQDIKNNLKEAIETIVAAMSNLVPPVELANPENQFRVDYILSVMNVPDFDFPPEFYEHAKALWEDEGVR
ACYERSNEYQLIDCAQYFLDKIDVIKQDDYVPSDQDLLRCRVLTSGIFETKFQVDKVNFHMFDVGGQRDERRKWIQCFND
VTAIIFVVASSSYNMVIREDNQTNRLQEALNLFKSIWNNRWLRTISVILFLNKQDLLAEKVLAGKSKIEDYFPEFARYTT
PEDATPEPGEDPRVTRAKYFIRDEFLRISTASGDGRHYCYPHFTCAVDTENIRRVFNDCRDIIQRMHLRQYELL
;
C
#
loop_
_chem_comp.id
_chem_comp.type
_chem_comp.name
_chem_comp.formula
101 non-polymer '2'-DEOXY-ADENOSINE 3'-MONOPHOSPHATE' 'C10 H14 N5 O6 P'
CL non-polymer 'CHLORIDE ION' 'Cl -1'
FOK non-polymer FORSKOLIN 'C22 H34 O7'
GSP non-polymer 5'-GUANOSINE-DIPHOSPHATE-MONOTHIOPHOSPHATE 'C10 H16 N5 O13 P3 S'
MES non-polymer '2-(N-MORPHOLINO)-ETHANESULFONIC ACID' 'C6 H13 N O4 S'
MG non-polymer 'MAGNESIUM ION' 'Mg 2'
POP non-polymer 'PYROPHOSPHATE 2-' 'H2 O7 P2 -2'
#
# COMPACT_ATOMS: atom_id res chain seq x y z
N MET A 22 -5.05 -12.25 -19.53
CA MET A 22 -4.09 -11.55 -18.68
C MET A 22 -4.55 -11.38 -17.23
N MET A 23 -3.58 -11.23 -16.33
CA MET A 23 -3.81 -11.10 -14.89
C MET A 23 -4.62 -9.87 -14.48
N PHE A 24 -4.09 -8.69 -14.77
CA PHE A 24 -4.75 -7.44 -14.45
C PHE A 24 -5.58 -6.94 -15.61
N HIS A 25 -6.56 -6.10 -15.32
CA HIS A 25 -7.38 -5.52 -16.37
C HIS A 25 -6.49 -4.52 -17.09
N LYS A 26 -6.79 -4.25 -18.36
CA LYS A 26 -6.00 -3.29 -19.12
C LYS A 26 -6.17 -1.91 -18.49
N ILE A 27 -5.05 -1.25 -18.21
CA ILE A 27 -5.12 0.09 -17.64
C ILE A 27 -4.96 1.13 -18.74
N TYR A 28 -5.87 2.10 -18.79
CA TYR A 28 -5.85 3.16 -19.79
C TYR A 28 -5.31 4.43 -19.18
N ILE A 29 -4.01 4.42 -18.84
CA ILE A 29 -3.34 5.56 -18.21
C ILE A 29 -1.95 5.78 -18.80
N GLN A 30 -1.57 7.05 -18.93
CA GLN A 30 -0.27 7.43 -19.47
C GLN A 30 0.35 8.58 -18.69
N LYS A 31 1.67 8.54 -18.50
CA LYS A 31 2.38 9.59 -17.76
C LYS A 31 2.70 10.82 -18.60
N HIS A 32 2.65 12.00 -17.99
CA HIS A 32 2.95 13.26 -18.65
C HIS A 32 3.70 14.25 -17.74
N ASP A 33 4.92 14.63 -18.15
CA ASP A 33 5.73 15.59 -17.40
C ASP A 33 5.48 17.02 -17.90
N ASN A 34 5.89 17.98 -17.09
CA ASN A 34 5.77 19.40 -17.43
C ASN A 34 4.36 19.89 -17.79
N VAL A 35 3.42 19.74 -16.85
CA VAL A 35 2.04 20.20 -17.05
C VAL A 35 1.62 21.07 -15.89
N SER A 36 0.53 21.82 -16.06
CA SER A 36 0.04 22.71 -15.01
C SER A 36 -1.40 22.38 -14.63
N ILE A 37 -1.67 22.34 -13.32
CA ILE A 37 -3.00 22.01 -12.84
C ILE A 37 -3.64 23.17 -12.08
N LEU A 38 -4.85 23.55 -12.50
CA LEU A 38 -5.60 24.63 -11.86
C LEU A 38 -6.83 24.08 -11.18
N PHE A 39 -7.06 24.52 -9.95
CA PHE A 39 -8.23 24.11 -9.16
C PHE A 39 -9.01 25.34 -8.72
N ALA A 40 -10.34 25.28 -8.84
CA ALA A 40 -11.20 26.38 -8.44
C ALA A 40 -12.32 25.77 -7.61
N ASP A 41 -12.70 26.43 -6.52
CA ASP A 41 -13.74 25.89 -5.65
C ASP A 41 -14.63 26.99 -5.05
N ILE A 42 -15.94 26.73 -5.00
CA ILE A 42 -16.89 27.68 -4.45
C ILE A 42 -16.70 27.77 -2.93
N GLU A 43 -16.60 28.98 -2.42
CA GLU A 43 -16.42 29.20 -0.99
C GLU A 43 -17.78 29.08 -0.30
N GLY A 44 -17.85 28.25 0.73
CA GLY A 44 -19.10 28.06 1.46
C GLY A 44 -20.24 27.52 0.62
N PHE A 45 -19.96 26.51 -0.21
CA PHE A 45 -20.95 25.89 -1.08
C PHE A 45 -22.10 25.18 -0.36
N THR A 46 -21.79 24.42 0.69
CA THR A 46 -22.83 23.72 1.44
C THR A 46 -23.77 24.73 2.09
N SER A 47 -23.23 25.89 2.48
CA SER A 47 -24.01 26.96 3.10
C SER A 47 -24.95 27.60 2.06
N LEU A 48 -24.39 27.85 0.88
CA LEU A 48 -25.11 28.46 -0.24
C LEU A 48 -26.27 27.61 -0.76
N ALA A 49 -25.98 26.36 -1.09
CA ALA A 49 -26.98 25.41 -1.60
C ALA A 49 -28.03 25.03 -0.55
N SER A 50 -27.73 25.36 0.69
CA SER A 50 -28.61 25.08 1.81
C SER A 50 -29.70 26.15 1.93
N GLN A 51 -29.51 27.27 1.24
CA GLN A 51 -30.47 28.38 1.29
C GLN A 51 -31.47 28.42 0.14
N CYS A 52 -30.97 28.53 -1.08
CA CYS A 52 -31.82 28.57 -2.26
C CYS A 52 -32.31 27.19 -2.70
N THR A 53 -33.31 27.18 -3.58
CA THR A 53 -33.89 25.94 -4.10
C THR A 53 -32.89 25.19 -4.97
N ALA A 54 -33.05 23.88 -5.10
CA ALA A 54 -32.15 23.05 -5.91
C ALA A 54 -32.16 23.46 -7.39
N GLN A 55 -33.27 24.03 -7.82
CA GLN A 55 -33.45 24.49 -9.21
C GLN A 55 -32.57 25.70 -9.47
N GLU A 56 -32.71 26.72 -8.64
CA GLU A 56 -31.95 27.97 -8.73
C GLU A 56 -30.43 27.75 -8.69
N LEU A 57 -29.99 26.87 -7.80
CA LEU A 57 -28.56 26.55 -7.62
C LEU A 57 -27.93 26.04 -8.91
N VAL A 58 -28.59 25.09 -9.56
CA VAL A 58 -28.10 24.51 -10.80
C VAL A 58 -28.06 25.52 -11.95
N MET A 59 -28.96 26.50 -11.92
CA MET A 59 -28.98 27.54 -12.95
C MET A 59 -27.74 28.41 -12.78
N THR A 60 -27.44 28.74 -11.52
CA THR A 60 -26.29 29.58 -11.17
C THR A 60 -24.98 28.88 -11.51
N LEU A 61 -24.94 27.57 -11.30
CA LEU A 61 -23.75 26.76 -11.59
C LEU A 61 -23.56 26.53 -13.08
N ASN A 62 -24.66 26.27 -13.79
CA ASN A 62 -24.60 26.03 -15.24
C ASN A 62 -24.21 27.30 -15.98
N GLU A 63 -24.67 28.44 -15.46
CA GLU A 63 -24.36 29.72 -16.06
C GLU A 63 -22.85 29.97 -15.90
N LEU A 64 -22.35 29.61 -14.73
CA LEU A 64 -20.94 29.77 -14.40
C LEU A 64 -20.00 28.79 -15.11
N PHE A 65 -20.28 27.49 -15.03
CA PHE A 65 -19.42 26.48 -15.65
C PHE A 65 -19.44 26.42 -17.18
N ALA A 66 -20.49 26.93 -17.79
CA ALA A 66 -20.58 26.95 -19.25
C ALA A 66 -19.54 27.95 -19.76
N ARG A 67 -19.50 29.11 -19.12
CA ARG A 67 -18.53 30.16 -19.45
C ARG A 67 -17.11 29.64 -19.23
N PHE A 68 -16.87 28.98 -18.10
CA PHE A 68 -15.55 28.44 -17.80
C PHE A 68 -15.11 27.47 -18.89
N ASP A 69 -16.03 26.61 -19.33
CA ASP A 69 -15.72 25.63 -20.36
C ASP A 69 -15.32 26.27 -21.69
N LYS A 70 -15.88 27.45 -21.99
CA LYS A 70 -15.56 28.18 -23.23
C LYS A 70 -14.21 28.89 -23.06
N LEU A 71 -14.00 29.47 -21.88
CA LEU A 71 -12.74 30.16 -21.57
C LEU A 71 -11.59 29.18 -21.57
N ALA A 72 -11.89 27.91 -21.30
CA ALA A 72 -10.88 26.86 -21.27
C ALA A 72 -10.35 26.57 -22.67
N ALA A 73 -11.24 26.63 -23.66
CA ALA A 73 -10.88 26.39 -25.05
C ALA A 73 -10.03 27.54 -25.59
N GLU A 74 -10.37 28.77 -25.19
CA GLU A 74 -9.63 29.97 -25.60
C GLU A 74 -8.22 29.98 -25.04
N ASN A 75 -8.10 29.61 -23.75
CA ASN A 75 -6.82 29.60 -23.06
C ASN A 75 -5.96 28.35 -23.18
N HIS A 76 -6.33 27.45 -24.08
CA HIS A 76 -5.56 26.21 -24.32
C HIS A 76 -5.51 25.25 -23.11
N CYS A 77 -6.60 25.21 -22.35
CA CYS A 77 -6.70 24.34 -21.18
C CYS A 77 -7.72 23.23 -21.41
N LEU A 78 -7.38 22.02 -20.98
CA LEU A 78 -8.31 20.90 -21.11
C LEU A 78 -8.99 20.68 -19.78
N ARG A 79 -10.30 20.90 -19.72
CA ARG A 79 -11.04 20.70 -18.49
C ARG A 79 -11.15 19.23 -18.13
N ILE A 80 -11.05 18.92 -16.84
CA ILE A 80 -11.13 17.55 -16.38
C ILE A 80 -12.57 17.25 -15.93
N LYS A 81 -12.94 17.69 -14.72
CA LYS A 81 -14.31 17.48 -14.26
C LYS A 81 -14.85 18.46 -13.24
N ILE A 82 -16.16 18.36 -13.00
CA ILE A 82 -16.83 19.23 -12.04
C ILE A 82 -17.34 18.40 -10.87
N LEU A 83 -16.80 18.67 -9.68
CA LEU A 83 -17.18 17.96 -8.47
C LEU A 83 -18.15 18.81 -7.66
N GLY A 84 -19.32 19.06 -8.24
CA GLY A 84 -20.34 19.86 -7.58
C GLY A 84 -20.01 21.34 -7.68
N ASP A 85 -19.02 21.77 -6.89
CA ASP A 85 -18.56 23.15 -6.85
C ASP A 85 -17.05 23.27 -7.10
N CYS A 86 -16.40 22.14 -7.37
CA CYS A 86 -14.96 22.10 -7.63
C CYS A 86 -14.69 21.92 -9.11
N TYR A 87 -14.13 22.95 -9.73
CA TYR A 87 -13.81 22.93 -11.14
C TYR A 87 -12.30 22.85 -11.32
N TYR A 88 -11.83 21.95 -12.20
CA TYR A 88 -10.39 21.83 -12.43
C TYR A 88 -10.01 21.40 -13.83
N CYS A 89 -8.87 21.92 -14.30
CA CYS A 89 -8.38 21.64 -15.63
C CYS A 89 -6.86 21.65 -15.67
N VAL A 90 -6.30 21.15 -16.76
CA VAL A 90 -4.86 21.13 -16.92
C VAL A 90 -4.47 21.75 -18.26
N SER A 91 -3.21 22.17 -18.35
CA SER A 91 -2.68 22.73 -19.57
C SER A 91 -1.46 21.93 -19.92
N GLY A 92 -1.31 21.58 -21.19
CA GLY A 92 -0.17 20.78 -21.60
C GLY A 92 -0.62 19.38 -21.95
N LEU A 93 -1.92 19.24 -22.16
CA LEU A 93 -2.56 17.98 -22.54
C LEU A 93 -3.67 18.31 -23.52
N PRO A 94 -3.86 17.47 -24.55
CA PRO A 94 -3.11 16.23 -24.82
C PRO A 94 -1.67 16.42 -25.31
N GLU A 95 -1.48 17.38 -26.20
CA GLU A 95 -0.16 17.66 -26.77
C GLU A 95 0.67 18.58 -25.87
N ALA A 96 1.91 18.18 -25.64
CA ALA A 96 2.83 18.93 -24.79
C ALA A 96 2.99 20.38 -25.27
N ARG A 97 2.96 21.29 -24.30
CA ARG A 97 3.10 22.72 -24.58
C ARG A 97 4.06 23.36 -23.57
N ALA A 98 5.06 24.08 -24.08
CA ALA A 98 6.04 24.75 -23.22
C ALA A 98 5.50 26.10 -22.71
N ASP A 99 4.30 26.42 -23.15
CA ASP A 99 3.62 27.66 -22.80
C ASP A 99 2.58 27.43 -21.70
N HIS A 100 2.51 26.19 -21.20
CA HIS A 100 1.54 25.79 -20.19
C HIS A 100 1.19 26.69 -19.01
N ALA A 101 2.14 26.93 -18.11
CA ALA A 101 1.86 27.74 -16.92
C ALA A 101 1.18 29.08 -17.18
N HIS A 102 1.45 29.69 -18.34
CA HIS A 102 0.85 30.98 -18.73
C HIS A 102 -0.63 30.83 -19.06
N CYS A 103 -0.96 29.70 -19.68
CA CYS A 103 -2.34 29.40 -20.05
C CYS A 103 -3.21 29.32 -18.79
N CYS A 104 -2.75 28.56 -17.80
CA CYS A 104 -3.48 28.41 -16.55
C CYS A 104 -3.62 29.71 -15.78
N VAL A 105 -2.61 30.56 -15.86
CA VAL A 105 -2.68 31.85 -15.17
C VAL A 105 -3.70 32.73 -15.88
N GLU A 106 -3.63 32.74 -17.21
CA GLU A 106 -4.56 33.52 -18.02
C GLU A 106 -5.99 32.99 -17.84
N MET A 107 -6.09 31.67 -17.70
CA MET A 107 -7.37 30.98 -17.50
C MET A 107 -7.97 31.34 -16.13
N GLY A 108 -7.12 31.41 -15.11
CA GLY A 108 -7.58 31.77 -13.78
C GLY A 108 -8.03 33.21 -13.76
N MET A 109 -7.35 34.05 -14.55
CA MET A 109 -7.68 35.47 -14.65
C MET A 109 -9.09 35.64 -15.21
N ASP A 110 -9.36 34.94 -16.30
CA ASP A 110 -10.67 35.00 -16.95
C ASP A 110 -11.77 34.50 -16.04
N MET A 111 -11.48 33.47 -15.24
CA MET A 111 -12.45 32.92 -14.30
C MET A 111 -12.89 33.94 -13.26
N ILE A 112 -11.93 34.69 -12.71
CA ILE A 112 -12.22 35.69 -11.69
C ILE A 112 -13.16 36.79 -12.17
N GLU A 113 -13.02 37.16 -13.44
CA GLU A 113 -13.87 38.20 -14.00
C GLU A 113 -15.26 37.62 -14.29
N ALA A 114 -15.28 36.38 -14.77
CA ALA A 114 -16.51 35.67 -15.09
C ALA A 114 -17.38 35.53 -13.85
N ILE A 115 -16.77 35.10 -12.74
CA ILE A 115 -17.47 34.93 -11.47
C ILE A 115 -18.07 36.26 -11.05
N SER A 116 -17.38 37.35 -11.40
CA SER A 116 -17.83 38.70 -11.06
C SER A 116 -19.12 39.06 -11.81
N LEU A 117 -19.18 38.72 -13.09
CA LEU A 117 -20.38 39.02 -13.89
C LEU A 117 -21.58 38.22 -13.40
N VAL A 118 -21.37 36.93 -13.15
CA VAL A 118 -22.43 36.05 -12.67
C VAL A 118 -22.86 36.44 -11.24
N ARG A 119 -22.02 37.22 -10.57
CA ARG A 119 -22.30 37.71 -9.22
C ARG A 119 -23.22 38.92 -9.39
N GLU A 120 -23.00 39.63 -10.50
CA GLU A 120 -23.74 40.85 -10.85
C GLU A 120 -25.13 40.59 -11.45
N MET A 121 -25.19 39.75 -12.47
CA MET A 121 -26.45 39.45 -13.15
C MET A 121 -27.36 38.45 -12.43
N THR A 122 -26.81 37.69 -11.48
CA THR A 122 -27.60 36.70 -10.74
C THR A 122 -27.90 37.15 -9.30
N GLY A 123 -27.00 37.92 -8.71
CA GLY A 123 -27.19 38.42 -7.36
C GLY A 123 -26.72 37.48 -6.26
N VAL A 124 -26.35 36.27 -6.65
CA VAL A 124 -25.87 35.24 -5.73
C VAL A 124 -24.41 35.52 -5.33
N ASN A 125 -24.11 35.30 -4.06
CA ASN A 125 -22.77 35.52 -3.50
C ASN A 125 -21.79 34.38 -3.79
N VAL A 126 -21.34 34.30 -5.05
CA VAL A 126 -20.39 33.28 -5.48
C VAL A 126 -18.95 33.80 -5.54
N ASN A 127 -18.09 33.15 -4.76
CA ASN A 127 -16.67 33.51 -4.71
C ASN A 127 -15.84 32.25 -4.76
N MET A 128 -14.81 32.26 -5.59
CA MET A 128 -13.94 31.11 -5.73
C MET A 128 -12.49 31.39 -5.38
N ARG A 129 -11.80 30.34 -4.95
CA ARG A 129 -10.39 30.39 -4.63
C ARG A 129 -9.73 29.67 -5.80
N VAL A 130 -8.56 30.15 -6.23
CA VAL A 130 -7.88 29.50 -7.34
C VAL A 130 -6.47 29.09 -6.94
N GLY A 131 -6.13 27.82 -7.20
CA GLY A 131 -4.80 27.32 -6.86
C GLY A 131 -4.17 26.72 -8.09
N ILE A 132 -2.87 26.90 -8.27
CA ILE A 132 -2.16 26.36 -9.44
C ILE A 132 -0.80 25.79 -9.07
N HIS A 133 -0.42 24.70 -9.72
CA HIS A 133 0.87 24.07 -9.49
C HIS A 133 1.30 23.34 -10.75
N SER A 134 2.60 23.18 -10.94
CA SER A 134 3.13 22.51 -12.12
C SER A 134 4.03 21.34 -11.77
N GLY A 135 3.97 20.30 -12.58
CA GLY A 135 4.79 19.11 -12.34
C GLY A 135 4.34 17.98 -13.24
N ARG A 136 4.43 16.73 -12.77
CA ARG A 136 3.99 15.60 -13.58
C ARG A 136 2.63 15.03 -13.14
N VAL A 137 1.94 14.38 -14.06
CA VAL A 137 0.66 13.76 -13.77
C VAL A 137 0.49 12.45 -14.53
N HIS A 138 -0.49 11.67 -14.09
CA HIS A 138 -0.84 10.42 -14.74
C HIS A 138 -2.27 10.74 -15.12
N CYS A 139 -2.64 10.50 -16.36
CA CYS A 139 -4.00 10.79 -16.76
C CYS A 139 -4.60 9.64 -17.54
N GLY A 140 -5.92 9.58 -17.55
CA GLY A 140 -6.62 8.52 -18.26
C GLY A 140 -7.96 8.24 -17.61
N VAL A 141 -8.31 6.97 -17.53
CA VAL A 141 -9.56 6.56 -16.93
C VAL A 141 -9.40 5.37 -15.99
N LEU A 142 -10.39 5.15 -15.14
CA LEU A 142 -10.35 4.04 -14.17
C LEU A 142 -11.65 3.26 -14.16
N GLY A 143 -11.54 1.96 -13.93
CA GLY A 143 -12.71 1.09 -13.87
C GLY A 143 -13.21 0.57 -15.21
N LEU A 144 -14.47 0.10 -15.20
CA LEU A 144 -15.09 -0.44 -16.39
C LEU A 144 -16.29 0.39 -16.82
N ARG A 145 -16.96 1.01 -15.87
CA ARG A 145 -18.14 1.79 -16.21
C ARG A 145 -18.05 3.27 -15.90
N LYS A 146 -18.76 4.06 -16.71
CA LYS A 146 -18.81 5.51 -16.56
C LYS A 146 -17.44 6.18 -16.59
N TRP A 147 -16.68 5.93 -17.65
CA TRP A 147 -15.36 6.50 -17.82
C TRP A 147 -15.40 8.01 -17.88
N GLN A 148 -14.55 8.65 -17.08
CA GLN A 148 -14.43 10.09 -17.08
C GLN A 148 -12.96 10.45 -16.92
N PHE A 149 -12.39 11.03 -17.97
CA PHE A 149 -10.98 11.43 -18.00
C PHE A 149 -10.59 12.10 -16.68
N ASP A 150 -9.50 11.64 -16.08
CA ASP A 150 -9.03 12.21 -14.82
C ASP A 150 -7.50 12.24 -14.73
N VAL A 151 -6.97 12.89 -13.68
CA VAL A 151 -5.53 13.00 -13.42
C VAL A 151 -5.21 12.65 -11.97
N TRP A 152 -4.05 12.05 -11.75
CA TRP A 152 -3.61 11.66 -10.41
C TRP A 152 -2.10 11.80 -10.30
N SER A 153 -1.63 12.25 -9.14
CA SER A 153 -0.21 12.40 -8.80
C SER A 153 -0.05 13.32 -7.62
N ASN A 154 1.12 13.27 -6.97
CA ASN A 154 1.42 14.14 -5.83
C ASN A 154 1.24 15.60 -6.23
N ASP A 155 1.66 15.90 -7.45
CA ASP A 155 1.54 17.25 -7.98
C ASP A 155 0.10 17.66 -8.14
N VAL A 156 -0.75 16.70 -8.52
CA VAL A 156 -2.19 17.00 -8.65
C VAL A 156 -2.73 17.23 -7.22
N THR A 157 -2.30 16.39 -6.29
CA THR A 157 -2.72 16.50 -4.89
C THR A 157 -2.32 17.88 -4.32
N LEU A 158 -1.10 18.31 -4.63
CA LEU A 158 -0.59 19.60 -4.16
C LEU A 158 -1.42 20.74 -4.72
N ALA A 159 -1.65 20.70 -6.03
CA ALA A 159 -2.44 21.72 -6.71
C ALA A 159 -3.77 21.88 -6.01
N ASN A 160 -4.35 20.77 -5.59
CA ASN A 160 -5.63 20.77 -4.89
C ASN A 160 -5.54 21.53 -3.56
N HIS A 161 -4.45 21.29 -2.83
CA HIS A 161 -4.24 21.97 -1.54
C HIS A 161 -4.00 23.47 -1.70
N MET A 162 -3.39 23.88 -2.81
CA MET A 162 -3.15 25.30 -3.07
C MET A 162 -4.47 26.06 -3.14
N GLU A 163 -5.51 25.39 -3.63
CA GLU A 163 -6.85 25.97 -3.73
C GLU A 163 -7.40 26.11 -2.33
N ALA A 164 -7.28 25.04 -1.55
CA ALA A 164 -7.75 25.05 -0.17
C ALA A 164 -7.01 26.11 0.64
N GLY A 165 -5.74 26.33 0.29
CA GLY A 165 -4.94 27.32 0.99
C GLY A 165 -4.85 28.67 0.31
N GLY A 166 -5.71 28.90 -0.67
CA GLY A 166 -5.69 30.17 -1.39
C GLY A 166 -6.54 31.26 -0.76
N LYS A 167 -6.76 32.33 -1.50
CA LYS A 167 -7.57 33.46 -1.03
C LYS A 167 -8.70 33.78 -2.00
N ALA A 168 -9.85 34.14 -1.43
CA ALA A 168 -11.03 34.48 -2.20
C ALA A 168 -10.80 35.51 -3.30
N GLY A 169 -11.11 35.12 -4.54
CA GLY A 169 -10.97 36.02 -5.67
C GLY A 169 -9.56 36.31 -6.15
N ARG A 170 -8.60 35.43 -5.84
CA ARG A 170 -7.21 35.63 -6.25
C ARG A 170 -6.55 34.32 -6.66
N ILE A 171 -5.51 34.41 -7.49
CA ILE A 171 -4.80 33.23 -7.97
C ILE A 171 -3.58 32.90 -7.10
N HIS A 172 -3.58 31.72 -6.51
CA HIS A 172 -2.51 31.24 -5.61
C HIS A 172 -1.63 30.21 -6.34
N ILE A 173 -0.34 30.54 -6.51
CA ILE A 173 0.58 29.63 -7.22
C ILE A 173 1.81 29.20 -6.39
N THR A 174 2.47 28.13 -6.82
CA THR A 174 3.65 27.59 -6.13
C THR A 174 4.97 28.08 -6.76
N LYS A 175 6.07 27.81 -6.07
CA LYS A 175 7.38 28.23 -6.58
C LYS A 175 7.67 27.48 -7.88
N ALA A 176 7.18 26.25 -7.98
CA ALA A 176 7.36 25.44 -9.18
C ALA A 176 6.62 26.02 -10.39
N THR A 177 5.50 26.70 -10.14
CA THR A 177 4.73 27.33 -11.21
C THR A 177 5.32 28.67 -11.59
N LEU A 178 5.97 29.32 -10.63
CA LEU A 178 6.61 30.62 -10.86
C LEU A 178 7.82 30.44 -11.79
N SER A 179 8.49 29.30 -11.69
CA SER A 179 9.66 28.99 -12.51
C SER A 179 9.34 28.66 -13.95
N TYR A 180 8.06 28.49 -14.26
CA TYR A 180 7.62 28.18 -15.61
C TYR A 180 7.04 29.44 -16.23
N LEU A 181 6.71 30.40 -15.37
CA LEU A 181 6.12 31.67 -15.77
C LEU A 181 7.15 32.67 -16.34
N ASN A 182 8.43 32.28 -16.29
CA ASN A 182 9.55 33.10 -16.79
C ASN A 182 9.54 34.59 -16.42
N GLY A 183 8.87 34.93 -15.32
CA GLY A 183 8.82 36.30 -14.84
C GLY A 183 7.97 37.29 -15.61
N ASP A 184 6.78 36.89 -16.03
CA ASP A 184 5.89 37.77 -16.78
C ASP A 184 4.77 38.35 -15.92
N TYR A 185 4.64 37.84 -14.69
CA TYR A 185 3.60 38.30 -13.78
C TYR A 185 4.16 38.77 -12.46
N GLU A 186 3.65 39.92 -12.00
CA GLU A 186 4.06 40.48 -10.72
C GLU A 186 3.30 39.74 -9.63
N VAL A 187 4.04 39.22 -8.66
CA VAL A 187 3.43 38.47 -7.56
C VAL A 187 3.85 39.03 -6.20
N GLU A 188 3.19 38.54 -5.15
CA GLU A 188 3.49 38.94 -3.78
C GLU A 188 3.56 37.67 -2.93
N PRO A 189 4.23 37.73 -1.77
CA PRO A 189 4.33 36.56 -0.89
C PRO A 189 2.95 36.00 -0.55
N GLY A 190 2.75 34.72 -0.87
CA GLY A 190 1.48 34.06 -0.64
C GLY A 190 1.20 33.64 0.79
N CYS A 191 2.24 33.16 1.48
CA CYS A 191 2.11 32.70 2.87
C CYS A 191 1.10 31.57 2.98
N GLY A 192 1.06 30.72 1.95
CA GLY A 192 0.14 29.60 1.94
C GLY A 192 0.40 28.63 3.08
N GLY A 193 1.63 28.68 3.60
CA GLY A 193 2.01 27.81 4.70
C GLY A 193 1.23 28.08 5.97
N GLU A 194 0.70 29.29 6.11
CA GLU A 194 -0.08 29.63 7.29
C GLU A 194 -1.60 29.50 7.15
N ARG A 195 -2.05 28.88 6.07
CA ARG A 195 -3.48 28.69 5.83
C ARG A 195 -3.83 27.23 5.49
N ASN A 196 -2.81 26.39 5.35
CA ASN A 196 -3.03 24.99 5.02
C ASN A 196 -1.87 24.14 5.54
N ALA A 197 -2.19 23.15 6.38
CA ALA A 197 -1.19 22.28 7.00
C ALA A 197 -0.35 21.43 6.05
N TYR A 198 -0.89 21.11 4.87
CA TYR A 198 -0.18 20.30 3.89
C TYR A 198 0.99 21.08 3.29
N LEU A 199 0.73 22.33 2.90
CA LEU A 199 1.73 23.20 2.29
C LEU A 199 2.86 23.51 3.28
N LYS A 200 2.51 23.62 4.56
CA LYS A 200 3.50 23.91 5.59
C LYS A 200 4.38 22.69 5.80
N GLU A 201 3.72 21.55 6.05
CA GLU A 201 4.42 20.28 6.28
C GLU A 201 5.37 19.88 5.17
N HIS A 202 5.05 20.27 3.94
CA HIS A 202 5.89 19.92 2.81
C HIS A 202 6.82 21.04 2.38
N SER A 203 6.86 22.10 3.18
CA SER A 203 7.72 23.27 2.94
C SER A 203 7.54 23.90 1.56
N ILE A 204 6.33 24.37 1.26
CA ILE A 204 6.08 24.97 -0.06
C ILE A 204 6.01 26.51 -0.01
N GLU A 205 6.73 27.16 -0.91
CA GLU A 205 6.73 28.62 -1.01
C GLU A 205 5.62 29.00 -1.98
N THR A 206 4.65 29.76 -1.50
CA THR A 206 3.53 30.16 -2.35
C THR A 206 3.58 31.63 -2.72
N PHE A 207 2.80 32.02 -3.72
CA PHE A 207 2.76 33.40 -4.19
C PHE A 207 1.34 33.72 -4.65
N LEU A 208 1.00 35.00 -4.63
CA LEU A 208 -0.32 35.48 -5.07
C LEU A 208 -0.12 36.46 -6.23
N ILE A 209 -0.73 36.17 -7.38
CA ILE A 209 -0.64 37.03 -8.55
C ILE A 209 -1.45 38.33 -8.41
N LEU A 210 -0.88 39.42 -8.90
CA LEU A 210 -1.53 40.74 -8.83
C LEU A 210 -2.45 41.00 -10.02
N TYR B 9 -31.43 18.64 -21.52
CA TYR B 9 -32.50 18.99 -20.59
C TYR B 9 -32.29 18.35 -19.22
N HIS B 10 -32.63 19.09 -18.17
CA HIS B 10 -32.52 18.65 -16.78
C HIS B 10 -33.85 18.10 -16.29
N GLN B 11 -33.86 17.52 -15.10
CA GLN B 11 -35.07 16.96 -14.52
C GLN B 11 -35.01 16.96 -13.01
N SER B 12 -36.15 17.24 -12.39
CA SER B 12 -36.25 17.27 -10.94
C SER B 12 -36.74 15.93 -10.38
N TYR B 13 -36.29 15.59 -9.18
CA TYR B 13 -36.68 14.34 -8.52
C TYR B 13 -37.07 14.62 -7.08
N ASP B 14 -37.86 13.71 -6.49
CA ASP B 14 -38.33 13.88 -5.11
C ASP B 14 -37.71 13.00 -4.04
N CYS B 15 -37.33 11.79 -4.41
CA CYS B 15 -36.79 10.85 -3.44
C CYS B 15 -35.70 9.96 -4.03
N VAL B 16 -34.48 10.49 -4.08
CA VAL B 16 -33.33 9.75 -4.61
C VAL B 16 -32.38 9.47 -3.45
N CYS B 17 -31.87 8.25 -3.38
CA CYS B 17 -30.95 7.86 -2.31
C CYS B 17 -29.51 7.92 -2.84
N VAL B 18 -28.71 8.85 -2.30
CA VAL B 18 -27.31 9.04 -2.71
C VAL B 18 -26.29 8.46 -1.74
N MET B 19 -25.29 7.77 -2.26
CA MET B 19 -24.24 7.19 -1.44
C MET B 19 -22.82 7.56 -1.84
N PHE B 20 -22.01 7.91 -0.84
CA PHE B 20 -20.59 8.23 -1.05
C PHE B 20 -19.83 7.19 -0.23
N ALA B 21 -18.96 6.42 -0.88
CA ALA B 21 -18.17 5.39 -0.22
C ALA B 21 -16.68 5.62 -0.43
N SER B 22 -15.96 5.91 0.64
CA SER B 22 -14.53 6.18 0.56
C SER B 22 -13.63 5.06 1.06
N ILE B 23 -12.34 5.21 0.75
CA ILE B 23 -11.29 4.29 1.18
C ILE B 23 -10.19 5.21 1.75
N PRO B 24 -10.42 5.77 2.95
CA PRO B 24 -9.52 6.72 3.63
C PRO B 24 -8.06 6.32 3.67
N ASP B 25 -7.79 5.02 3.78
CA ASP B 25 -6.42 4.53 3.84
C ASP B 25 -5.66 4.54 2.49
N PHE B 26 -6.37 4.70 1.37
CA PHE B 26 -5.70 4.70 0.06
C PHE B 26 -4.62 5.76 -0.16
N LYS B 27 -4.93 7.00 0.22
CA LYS B 27 -4.02 8.15 0.09
C LYS B 27 -2.64 7.83 0.69
N GLU B 28 -2.64 7.13 1.82
CA GLU B 28 -1.42 6.75 2.50
C GLU B 28 -0.66 5.68 1.72
N PHE B 29 -1.40 4.69 1.20
CA PHE B 29 -0.82 3.59 0.43
C PHE B 29 -0.15 4.07 -0.84
N TYR B 30 -0.68 5.14 -1.42
CA TYR B 30 -0.13 5.71 -2.63
C TYR B 30 1.22 6.36 -2.40
N THR B 31 2.19 6.01 -3.23
CA THR B 31 3.55 6.56 -3.17
C THR B 31 4.18 6.60 -4.56
N GLU B 32 5.07 7.57 -4.78
CA GLU B 32 5.74 7.69 -6.08
C GLU B 32 7.23 7.43 -5.93
N SER B 33 7.68 6.31 -6.47
CA SER B 33 9.08 5.91 -6.43
C SER B 33 9.51 5.40 -7.80
N ASP B 34 10.78 5.02 -7.92
CA ASP B 34 11.30 4.51 -9.18
C ASP B 34 10.86 3.06 -9.40
N VAL B 35 10.59 2.36 -8.31
CA VAL B 35 10.16 0.96 -8.38
C VAL B 35 8.70 0.83 -8.83
N ASN B 36 7.81 1.64 -8.25
CA ASN B 36 6.40 1.59 -8.62
C ASN B 36 5.99 2.47 -9.80
N LYS B 37 6.98 2.82 -10.61
CA LYS B 37 6.79 3.64 -11.81
C LYS B 37 6.08 4.97 -11.58
N GLU B 38 6.56 5.70 -10.58
CA GLU B 38 5.99 7.01 -10.24
C GLU B 38 4.53 6.91 -9.82
N GLY B 39 4.19 5.85 -9.09
CA GLY B 39 2.83 5.67 -8.63
C GLY B 39 1.88 4.94 -9.56
N LEU B 40 2.37 4.49 -10.71
CA LEU B 40 1.53 3.76 -11.65
C LEU B 40 1.09 2.42 -11.08
N GLU B 41 1.96 1.77 -10.31
CA GLU B 41 1.59 0.47 -9.74
C GLU B 41 0.47 0.56 -8.71
N CYS B 42 0.40 1.68 -8.01
CA CYS B 42 -0.67 1.91 -7.04
C CYS B 42 -1.97 2.13 -7.80
N LEU B 43 -1.93 2.98 -8.83
CA LEU B 43 -3.11 3.24 -9.63
C LEU B 43 -3.66 1.97 -10.26
N ARG B 44 -2.79 1.00 -10.55
CA ARG B 44 -3.23 -0.26 -11.14
C ARG B 44 -4.14 -0.98 -10.16
N LEU B 45 -3.75 -0.97 -8.87
CA LEU B 45 -4.55 -1.62 -7.85
C LEU B 45 -5.88 -0.89 -7.65
N LEU B 46 -5.89 0.43 -7.81
CA LEU B 46 -7.13 1.18 -7.65
C LEU B 46 -8.08 0.81 -8.80
N ASN B 47 -7.49 0.51 -9.94
CA ASN B 47 -8.25 0.13 -11.13
C ASN B 47 -8.96 -1.20 -10.90
N GLU B 48 -8.28 -2.12 -10.20
CA GLU B 48 -8.87 -3.42 -9.90
C GLU B 48 -10.05 -3.27 -8.94
N ILE B 49 -9.86 -2.42 -7.94
CA ILE B 49 -10.89 -2.16 -6.94
C ILE B 49 -12.11 -1.53 -7.56
N ILE B 50 -11.92 -0.44 -8.33
CA ILE B 50 -13.05 0.23 -8.97
C ILE B 50 -13.76 -0.70 -9.93
N ALA B 51 -13.00 -1.59 -10.59
CA ALA B 51 -13.59 -2.55 -11.53
C ALA B 51 -14.46 -3.59 -10.82
N ASP B 52 -13.96 -4.16 -9.72
CA ASP B 52 -14.72 -5.14 -8.94
C ASP B 52 -16.01 -4.54 -8.42
N PHE B 53 -15.97 -3.25 -8.11
CA PHE B 53 -17.14 -2.52 -7.62
C PHE B 53 -18.09 -2.36 -8.80
N ASP B 54 -17.56 -1.87 -9.92
CA ASP B 54 -18.34 -1.64 -11.13
C ASP B 54 -19.17 -2.82 -11.61
N ASP B 55 -18.67 -4.05 -11.47
CA ASP B 55 -19.46 -5.19 -11.93
C ASP B 55 -20.58 -5.71 -11.05
N LEU B 56 -20.75 -5.11 -9.89
CA LEU B 56 -21.84 -5.48 -9.02
C LEU B 56 -23.10 -4.89 -9.69
N LEU B 57 -22.91 -3.91 -10.56
CA LEU B 57 -24.03 -3.27 -11.24
C LEU B 57 -24.74 -4.24 -12.18
N SER B 58 -24.06 -5.30 -12.58
CA SER B 58 -24.64 -6.31 -13.46
C SER B 58 -25.51 -7.32 -12.72
N LYS B 59 -25.43 -7.32 -11.38
CA LYS B 59 -26.24 -8.24 -10.56
C LYS B 59 -27.68 -7.75 -10.62
N PRO B 60 -28.64 -8.67 -10.91
CA PRO B 60 -30.07 -8.32 -10.98
C PRO B 60 -30.58 -7.55 -9.78
N LYS B 61 -30.16 -7.94 -8.58
CA LYS B 61 -30.59 -7.25 -7.37
C LYS B 61 -30.17 -5.78 -7.34
N PHE B 62 -29.21 -5.41 -8.21
CA PHE B 62 -28.71 -4.04 -8.29
C PHE B 62 -29.06 -3.24 -9.55
N SER B 63 -30.13 -3.66 -10.25
CA SER B 63 -30.62 -3.01 -11.47
C SER B 63 -30.94 -1.51 -11.29
N GLY B 64 -31.43 -1.15 -10.10
CA GLY B 64 -31.79 0.23 -9.83
C GLY B 64 -30.69 1.18 -9.39
N VAL B 65 -29.46 0.66 -9.23
CA VAL B 65 -28.30 1.47 -8.81
C VAL B 65 -27.60 2.12 -10.01
N GLU B 66 -27.42 3.44 -9.94
CA GLU B 66 -26.74 4.17 -11.01
C GLU B 66 -25.41 4.69 -10.51
N LYS B 67 -24.32 4.28 -11.14
CA LYS B 67 -23.03 4.79 -10.75
C LYS B 67 -22.98 6.21 -11.33
N ILE B 68 -22.54 7.18 -10.53
CA ILE B 68 -22.46 8.56 -11.00
C ILE B 68 -21.01 8.87 -11.43
N LYS B 69 -20.05 8.53 -10.58
CA LYS B 69 -18.63 8.79 -10.87
C LYS B 69 -17.76 8.32 -9.70
N THR B 70 -16.45 8.37 -9.90
CA THR B 70 -15.51 8.06 -8.84
C THR B 70 -14.80 9.36 -8.57
N ILE B 71 -14.64 9.70 -7.29
CA ILE B 71 -13.97 10.92 -6.90
C ILE B 71 -12.69 10.45 -6.21
N GLY B 72 -11.60 10.38 -6.97
CA GLY B 72 -10.34 9.89 -6.41
C GLY B 72 -10.55 8.42 -6.12
N SER B 73 -10.57 8.07 -4.84
CA SER B 73 -10.80 6.68 -4.44
C SER B 73 -12.18 6.51 -3.79
N THR B 74 -13.03 7.54 -3.92
CA THR B 74 -14.38 7.52 -3.38
C THR B 74 -15.33 7.09 -4.50
N TYR B 75 -16.29 6.23 -4.18
CA TYR B 75 -17.26 5.74 -5.16
C TYR B 75 -18.61 6.41 -4.87
N MET B 76 -19.21 7.02 -5.89
CA MET B 76 -20.49 7.71 -5.76
C MET B 76 -21.59 7.02 -6.57
N ALA B 77 -22.74 6.79 -5.94
CA ALA B 77 -23.85 6.13 -6.64
C ALA B 77 -25.22 6.62 -6.16
N ALA B 78 -26.26 6.25 -6.88
CA ALA B 78 -27.61 6.66 -6.50
C ALA B 78 -28.69 5.70 -6.98
N THR B 79 -29.82 5.71 -6.27
CA THR B 79 -30.98 4.88 -6.62
C THR B 79 -32.23 5.77 -6.67
N GLY B 80 -33.27 5.28 -7.36
CA GLY B 80 -34.48 6.07 -7.46
C GLY B 80 -34.44 7.00 -8.65
N LEU B 81 -33.45 6.84 -9.51
CA LEU B 81 -33.33 7.66 -10.71
C LEU B 81 -34.16 7.05 -11.84
N SER B 82 -34.60 5.82 -11.63
CA SER B 82 -35.43 5.09 -12.60
C SER B 82 -36.92 5.45 -12.40
N ALA B 83 -37.23 6.09 -11.27
CA ALA B 83 -38.61 6.48 -10.92
C ALA B 83 -39.10 7.76 -11.60
N ILE B 84 -40.18 8.34 -11.06
CA ILE B 84 -40.78 9.58 -11.59
C ILE B 84 -41.17 9.43 -13.07
N ARG B 95 -42.71 -0.65 -0.94
CA ARG B 95 -42.57 -0.44 -2.38
C ARG B 95 -42.15 1.00 -2.66
N GLN B 96 -42.73 1.94 -1.92
CA GLN B 96 -42.42 3.36 -2.09
C GLN B 96 -40.97 3.72 -1.69
N TYR B 97 -40.45 3.01 -0.68
CA TYR B 97 -39.11 3.29 -0.16
C TYR B 97 -38.08 2.16 -0.20
N MET B 98 -38.33 1.11 -0.97
CA MET B 98 -37.39 0.00 -1.02
C MET B 98 -36.03 0.34 -1.64
N HIS B 99 -35.99 1.36 -2.49
CA HIS B 99 -34.74 1.75 -3.16
C HIS B 99 -33.68 2.28 -2.20
N ILE B 100 -34.13 2.80 -1.06
CA ILE B 100 -33.25 3.32 -0.03
C ILE B 100 -32.57 2.13 0.65
N GLY B 101 -33.31 1.05 0.80
CA GLY B 101 -32.78 -0.16 1.41
C GLY B 101 -31.87 -0.91 0.46
N THR B 102 -32.12 -0.79 -0.84
CA THR B 102 -31.28 -1.46 -1.81
C THR B 102 -29.88 -0.84 -1.82
N MET B 103 -29.81 0.47 -1.58
CA MET B 103 -28.56 1.23 -1.53
C MET B 103 -27.68 0.72 -0.37
N VAL B 104 -28.31 0.46 0.78
CA VAL B 104 -27.59 -0.08 1.92
C VAL B 104 -27.06 -1.48 1.58
N GLU B 105 -27.86 -2.27 0.88
CA GLU B 105 -27.44 -3.62 0.49
C GLU B 105 -26.26 -3.56 -0.48
N PHE B 106 -26.19 -2.47 -1.24
CA PHE B 106 -25.13 -2.27 -2.22
C PHE B 106 -23.84 -1.94 -1.48
N ALA B 107 -23.97 -1.22 -0.36
CA ALA B 107 -22.82 -0.86 0.44
C ALA B 107 -22.19 -2.11 1.05
N TYR B 108 -23.03 -3.04 1.50
CA TYR B 108 -22.52 -4.28 2.08
C TYR B 108 -21.74 -5.06 1.03
N ALA B 109 -22.27 -5.09 -0.19
CA ALA B 109 -21.63 -5.80 -1.30
C ALA B 109 -20.22 -5.24 -1.57
N LEU B 110 -20.07 -3.91 -1.59
CA LEU B 110 -18.78 -3.29 -1.83
C LEU B 110 -17.76 -3.75 -0.79
N VAL B 111 -18.20 -3.83 0.46
CA VAL B 111 -17.34 -4.28 1.56
C VAL B 111 -16.82 -5.68 1.28
N GLY B 112 -17.67 -6.53 0.72
CA GLY B 112 -17.25 -7.88 0.39
C GLY B 112 -16.29 -7.92 -0.79
N LYS B 113 -16.38 -6.91 -1.66
CA LYS B 113 -15.49 -6.84 -2.82
C LYS B 113 -14.12 -6.36 -2.37
N LEU B 114 -14.11 -5.45 -1.42
CA LEU B 114 -12.88 -4.90 -0.88
C LEU B 114 -12.14 -5.91 0.00
N ASP B 115 -12.88 -6.79 0.68
CA ASP B 115 -12.27 -7.83 1.52
C ASP B 115 -11.57 -8.85 0.63
N ALA B 116 -12.16 -9.13 -0.54
CA ALA B 116 -11.60 -10.07 -1.51
C ALA B 116 -10.27 -9.50 -2.03
N ILE B 117 -10.26 -8.19 -2.26
CA ILE B 117 -9.09 -7.48 -2.73
C ILE B 117 -7.99 -7.53 -1.66
N ASN B 118 -8.37 -7.33 -0.40
CA ASN B 118 -7.38 -7.38 0.68
C ASN B 118 -6.72 -8.76 0.77
N LYS B 119 -7.52 -9.80 0.59
CA LYS B 119 -7.03 -11.17 0.65
C LYS B 119 -5.95 -11.46 -0.39
N HIS B 120 -6.07 -10.83 -1.56
CA HIS B 120 -5.10 -11.02 -2.64
C HIS B 120 -3.94 -10.03 -2.71
N SER B 121 -4.13 -8.82 -2.19
CA SER B 121 -3.08 -7.80 -2.23
C SER B 121 -2.41 -7.57 -0.88
N PHE B 122 -2.66 -8.46 0.07
CA PHE B 122 -2.08 -8.38 1.43
C PHE B 122 -2.26 -7.03 2.13
N ASN B 123 -3.41 -6.40 1.94
CA ASN B 123 -3.69 -5.11 2.56
C ASN B 123 -4.85 -5.21 3.57
N ASP B 124 -5.27 -4.08 4.11
CA ASP B 124 -6.35 -4.05 5.08
C ASP B 124 -7.21 -2.79 4.86
N PHE B 125 -7.63 -2.57 3.62
CA PHE B 125 -8.45 -1.40 3.32
C PHE B 125 -9.83 -1.58 3.90
N LYS B 126 -10.39 -0.49 4.40
CA LYS B 126 -11.73 -0.49 4.96
C LYS B 126 -12.55 0.61 4.29
N LEU B 127 -13.85 0.37 4.14
CA LEU B 127 -14.75 1.33 3.51
C LEU B 127 -15.43 2.24 4.53
N ARG B 128 -15.70 3.49 4.16
CA ARG B 128 -16.37 4.44 5.03
C ARG B 128 -17.53 4.99 4.22
N VAL B 129 -18.75 4.63 4.61
CA VAL B 129 -19.96 5.04 3.88
C VAL B 129 -20.85 6.11 4.48
N GLY B 130 -21.44 6.90 3.61
CA GLY B 130 -22.37 7.94 4.01
C GLY B 130 -23.51 7.88 3.03
N ILE B 131 -24.75 7.83 3.54
CA ILE B 131 -25.96 7.76 2.72
C ILE B 131 -27.01 8.75 3.23
N ASN B 132 -27.79 9.31 2.28
CA ASN B 132 -28.87 10.24 2.58
C ASN B 132 -29.84 10.16 1.41
N HIS B 133 -31.03 10.73 1.57
CA HIS B 133 -32.02 10.74 0.49
C HIS B 133 -32.83 12.03 0.53
N GLY B 134 -33.45 12.36 -0.59
CA GLY B 134 -34.24 13.58 -0.67
C GLY B 134 -34.30 14.01 -2.13
N PRO B 135 -34.75 15.23 -2.41
CA PRO B 135 -34.84 15.71 -3.79
C PRO B 135 -33.51 16.09 -4.39
N VAL B 136 -33.35 15.89 -5.70
CA VAL B 136 -32.12 16.25 -6.40
C VAL B 136 -32.47 16.76 -7.80
N ILE B 137 -31.44 17.12 -8.56
CA ILE B 137 -31.62 17.60 -9.92
C ILE B 137 -30.64 16.77 -10.75
N ALA B 138 -31.13 16.13 -11.80
CA ALA B 138 -30.26 15.32 -12.63
C ALA B 138 -30.12 15.91 -14.02
N GLY B 139 -28.94 15.76 -14.61
CA GLY B 139 -28.70 16.28 -15.94
C GLY B 139 -27.23 16.44 -16.27
N VAL B 140 -26.95 17.28 -17.25
CA VAL B 140 -25.61 17.58 -17.70
C VAL B 140 -25.38 19.04 -17.39
N ILE B 141 -24.12 19.47 -17.38
CA ILE B 141 -23.80 20.85 -17.06
C ILE B 141 -22.49 21.24 -17.75
N GLY B 142 -22.39 22.49 -18.18
CA GLY B 142 -21.17 22.93 -18.85
C GLY B 142 -21.21 22.63 -20.34
N ALA B 143 -20.31 23.28 -21.08
CA ALA B 143 -20.24 23.13 -22.54
C ALA B 143 -19.33 22.02 -23.09
N GLN B 144 -18.34 21.58 -22.32
CA GLN B 144 -17.39 20.57 -22.78
C GLN B 144 -17.95 19.18 -23.15
N LYS B 145 -18.33 18.38 -22.16
CA LYS B 145 -18.84 17.06 -22.45
C LYS B 145 -20.16 16.72 -21.75
N PRO B 146 -20.86 15.69 -22.24
CA PRO B 146 -22.14 15.21 -21.73
C PRO B 146 -21.96 14.27 -20.54
N GLN B 147 -21.65 14.85 -19.39
CA GLN B 147 -21.44 14.05 -18.19
C GLN B 147 -22.62 14.19 -17.25
N TYR B 148 -23.30 13.06 -17.05
CA TYR B 148 -24.48 12.98 -16.18
C TYR B 148 -24.09 13.09 -14.70
N ASP B 149 -24.79 13.96 -13.98
CA ASP B 149 -24.49 14.18 -12.56
C ASP B 149 -25.77 14.57 -11.81
N ILE B 150 -25.69 14.66 -10.48
CA ILE B 150 -26.85 15.05 -9.67
C ILE B 150 -26.43 16.14 -8.69
N TRP B 151 -27.32 17.11 -8.48
CA TRP B 151 -27.01 18.20 -7.57
C TRP B 151 -28.11 18.39 -6.55
N GLY B 152 -27.78 19.09 -5.49
CA GLY B 152 -28.74 19.38 -4.46
C GLY B 152 -28.18 19.29 -3.07
N ASN B 153 -28.92 19.83 -2.12
CA ASN B 153 -28.54 19.80 -0.72
C ASN B 153 -28.46 18.34 -0.27
N THR B 154 -29.31 17.49 -0.84
CA THR B 154 -29.34 16.06 -0.52
C THR B 154 -27.99 15.42 -0.82
N VAL B 155 -27.40 15.82 -1.95
CA VAL B 155 -26.11 15.28 -2.36
C VAL B 155 -25.00 15.81 -1.47
N ASN B 156 -25.07 17.08 -1.12
CA ASN B 156 -24.07 17.72 -0.27
C ASN B 156 -24.03 17.04 1.10
N VAL B 157 -25.21 16.83 1.69
CA VAL B 157 -25.29 16.20 3.00
C VAL B 157 -24.78 14.76 2.95
N ALA B 158 -25.08 14.03 1.87
CA ALA B 158 -24.61 12.66 1.73
C ALA B 158 -23.09 12.64 1.83
N SER B 159 -22.45 13.57 1.14
CA SER B 159 -21.00 13.69 1.11
C SER B 159 -20.45 13.94 2.50
N ARG B 160 -21.20 14.66 3.33
CA ARG B 160 -20.78 14.95 4.69
C ARG B 160 -20.94 13.74 5.61
N MET B 161 -21.91 12.87 5.29
CA MET B 161 -22.13 11.65 6.05
C MET B 161 -20.96 10.69 5.86
N ASP B 162 -20.20 10.93 4.80
CA ASP B 162 -19.00 10.15 4.49
C ASP B 162 -17.79 10.82 5.15
N SER B 163 -17.56 12.10 4.85
CA SER B 163 -16.42 12.83 5.39
C SER B 163 -16.32 12.91 6.91
N THR B 164 -17.43 12.70 7.62
CA THR B 164 -17.44 12.72 9.09
C THR B 164 -17.79 11.34 9.65
N GLY B 165 -17.69 10.31 8.80
CA GLY B 165 -18.02 8.95 9.20
C GLY B 165 -16.96 8.16 9.93
N VAL B 166 -17.18 6.85 10.07
CA VAL B 166 -16.27 5.94 10.77
C VAL B 166 -15.96 4.73 9.89
N LEU B 167 -14.75 4.18 10.01
CA LEU B 167 -14.36 3.01 9.23
C LEU B 167 -15.26 1.81 9.49
N ASP B 168 -15.66 1.11 8.43
CA ASP B 168 -16.53 -0.06 8.54
C ASP B 168 -17.95 0.24 9.01
N LYS B 169 -18.37 1.50 8.87
CA LYS B 169 -19.71 1.91 9.29
C LYS B 169 -20.43 2.68 8.19
N ILE B 170 -21.75 2.60 8.20
CA ILE B 170 -22.59 3.29 7.24
C ILE B 170 -23.29 4.38 8.04
N GLN B 171 -22.91 5.64 7.82
CA GLN B 171 -23.55 6.74 8.55
C GLN B 171 -24.70 7.30 7.72
N VAL B 172 -25.85 7.47 8.33
CA VAL B 172 -27.01 8.00 7.63
C VAL B 172 -27.66 9.13 8.41
N THR B 173 -28.49 9.93 7.74
CA THR B 173 -29.16 11.04 8.40
C THR B 173 -30.37 10.56 9.19
N GLU B 174 -30.92 11.45 10.02
CA GLU B 174 -32.08 11.12 10.83
C GLU B 174 -33.24 10.63 9.97
N GLU B 175 -33.60 11.40 8.94
CA GLU B 175 -34.70 11.02 8.06
C GLU B 175 -34.46 9.72 7.31
N THR B 176 -33.22 9.45 6.95
CA THR B 176 -32.92 8.21 6.24
C THR B 176 -33.01 7.06 7.24
N SER B 177 -32.69 7.34 8.50
CA SER B 177 -32.73 6.35 9.57
C SER B 177 -34.14 5.84 9.84
N LEU B 178 -35.11 6.75 9.81
CA LEU B 178 -36.52 6.39 10.04
C LEU B 178 -37.02 5.44 8.97
N ILE B 179 -36.76 5.79 7.71
CA ILE B 179 -37.15 4.96 6.57
C ILE B 179 -36.51 3.58 6.63
N LEU B 180 -35.26 3.52 7.07
CA LEU B 180 -34.56 2.24 7.17
C LEU B 180 -35.15 1.35 8.24
N GLN B 181 -35.77 1.96 9.25
CA GLN B 181 -36.40 1.21 10.34
C GLN B 181 -37.75 0.58 9.93
N THR B 182 -38.51 1.30 9.10
CA THR B 182 -39.78 0.80 8.62
C THR B 182 -39.54 -0.39 7.70
N LEU B 183 -38.30 -0.52 7.23
CA LEU B 183 -37.93 -1.60 6.34
C LEU B 183 -37.35 -2.79 7.08
N GLY B 184 -37.02 -2.60 8.36
CA GLY B 184 -36.47 -3.69 9.14
C GLY B 184 -35.02 -3.55 9.55
N TYR B 185 -34.46 -2.36 9.39
CA TYR B 185 -33.06 -2.13 9.76
C TYR B 185 -32.97 -1.49 11.15
N THR B 186 -31.93 -1.84 11.89
CA THR B 186 -31.72 -1.27 13.22
C THR B 186 -30.66 -0.19 13.08
N CYS B 187 -30.78 0.88 13.86
CA CYS B 187 -29.82 1.98 13.83
C CYS B 187 -29.39 2.46 15.22
N THR B 188 -28.13 2.86 15.34
CA THR B 188 -27.57 3.35 16.58
C THR B 188 -27.26 4.84 16.41
N CYS B 189 -27.64 5.64 17.41
CA CYS B 189 -27.42 7.08 17.34
C CYS B 189 -25.97 7.46 17.59
N ARG B 190 -25.37 8.15 16.62
CA ARG B 190 -23.99 8.60 16.71
C ARG B 190 -23.89 9.86 17.57
N GLY B 191 -24.98 10.62 17.62
CA GLY B 191 -25.01 11.84 18.41
C GLY B 191 -25.30 13.07 17.56
N ILE B 192 -25.00 14.23 18.12
CA ILE B 192 -25.22 15.50 17.44
C ILE B 192 -23.87 16.07 17.05
N ILE B 193 -23.58 16.08 15.77
CA ILE B 193 -22.32 16.63 15.27
C ILE B 193 -22.53 17.89 14.42
N ASN B 194 -21.66 18.87 14.63
CA ASN B 194 -21.71 20.13 13.90
C ASN B 194 -21.06 19.95 12.53
N VAL B 195 -21.90 19.91 11.49
CA VAL B 195 -21.44 19.72 10.12
C VAL B 195 -21.12 21.05 9.45
N LYS B 196 -20.00 21.12 8.75
CA LYS B 196 -19.56 22.32 8.05
C LYS B 196 -20.62 22.80 7.05
N GLY B 197 -21.16 23.99 7.33
CA GLY B 197 -22.18 24.56 6.46
C GLY B 197 -23.63 24.26 6.81
N LYS B 198 -23.84 23.26 7.67
CA LYS B 198 -25.19 22.85 8.07
C LYS B 198 -25.48 23.08 9.54
N GLY B 199 -24.44 23.04 10.37
CA GLY B 199 -24.62 23.20 11.80
C GLY B 199 -24.86 21.85 12.46
N ASP B 200 -25.49 21.86 13.63
CA ASP B 200 -25.78 20.63 14.37
C ASP B 200 -26.79 19.68 13.71
N LEU B 201 -26.33 18.45 13.43
CA LEU B 201 -27.17 17.41 12.82
C LEU B 201 -27.11 16.12 13.64
N LYS B 202 -28.26 15.47 13.82
CA LYS B 202 -28.30 14.22 14.57
C LYS B 202 -28.18 13.06 13.58
N THR B 203 -27.11 12.28 13.69
CA THR B 203 -26.87 11.17 12.75
C THR B 203 -26.96 9.77 13.35
N TYR B 204 -26.90 8.75 12.48
CA TYR B 204 -27.01 7.35 12.90
C TYR B 204 -26.10 6.38 12.13
N PHE B 205 -25.85 5.22 12.76
CA PHE B 205 -25.04 4.16 12.17
C PHE B 205 -25.94 2.94 11.96
N VAL B 206 -25.88 2.35 10.77
CA VAL B 206 -26.71 1.18 10.49
C VAL B 206 -26.09 -0.02 11.20
N ASN B 207 -26.95 -0.88 11.75
CA ASN B 207 -26.50 -2.06 12.47
C ASN B 207 -26.34 -3.26 11.57
N THR B 208 -25.49 -4.19 12.00
CA THR B 208 -25.18 -5.41 11.28
C THR B 208 -25.18 -6.62 12.21
N ALA C 39 17.16 -9.13 -23.85
CA ALA C 39 16.53 -10.10 -22.96
C ALA C 39 16.68 -9.65 -21.49
N THR C 40 15.57 -9.22 -20.88
CA THR C 40 15.57 -8.77 -19.49
C THR C 40 14.54 -9.54 -18.63
N HIS C 41 15.04 -10.19 -17.59
CA HIS C 41 14.18 -10.95 -16.69
C HIS C 41 14.03 -10.27 -15.34
N ARG C 42 12.78 -10.03 -14.94
CA ARG C 42 12.49 -9.40 -13.65
C ARG C 42 12.08 -10.47 -12.64
N LEU C 43 12.94 -10.69 -11.64
CA LEU C 43 12.69 -11.70 -10.61
C LEU C 43 12.28 -11.09 -9.27
N LEU C 44 11.16 -11.56 -8.73
CA LEU C 44 10.64 -11.05 -7.47
C LEU C 44 10.81 -12.07 -6.34
N LEU C 45 11.54 -11.67 -5.30
CA LEU C 45 11.79 -12.51 -4.14
C LEU C 45 10.68 -12.37 -3.09
N LEU C 46 10.07 -13.49 -2.70
CA LEU C 46 8.99 -13.48 -1.73
C LEU C 46 9.24 -14.52 -0.64
N GLY C 47 8.63 -14.33 0.52
CA GLY C 47 8.78 -15.25 1.63
C GLY C 47 8.53 -14.51 2.93
N ALA C 48 8.31 -15.25 4.01
CA ALA C 48 8.07 -14.65 5.31
C ALA C 48 9.33 -13.96 5.84
N GLY C 49 9.24 -13.37 7.03
CA GLY C 49 10.39 -12.69 7.62
C GLY C 49 11.49 -13.62 8.11
N GLU C 50 12.74 -13.22 7.83
CA GLU C 50 13.94 -13.98 8.21
C GLU C 50 14.14 -15.28 7.43
N SER C 51 13.47 -15.39 6.28
CA SER C 51 13.56 -16.58 5.44
C SER C 51 14.85 -16.69 4.64
N GLY C 52 15.45 -15.56 4.29
CA GLY C 52 16.70 -15.57 3.53
C GLY C 52 16.71 -14.76 2.24
N LYS C 53 15.70 -13.93 2.02
CA LYS C 53 15.64 -13.12 0.79
C LYS C 53 16.80 -12.15 0.56
N SER C 54 17.14 -11.34 1.56
CA SER C 54 18.23 -10.38 1.41
C SER C 54 19.60 -11.01 1.24
N THR C 55 19.77 -12.21 1.76
CA THR C 55 21.02 -12.95 1.67
C THR C 55 21.19 -13.45 0.25
N ILE C 56 20.08 -13.81 -0.39
CA ILE C 56 20.12 -14.30 -1.76
C ILE C 56 20.62 -13.18 -2.67
N VAL C 57 20.11 -11.97 -2.44
CA VAL C 57 20.50 -10.80 -3.22
C VAL C 57 21.99 -10.51 -3.04
N LYS C 58 22.47 -10.63 -1.81
CA LYS C 58 23.89 -10.41 -1.54
C LYS C 58 24.74 -11.38 -2.35
N GLN C 59 24.34 -12.65 -2.43
CA GLN C 59 25.08 -13.66 -3.20
C GLN C 59 25.13 -13.32 -4.68
N MET C 60 24.12 -12.60 -5.19
CA MET C 60 24.13 -12.23 -6.60
C MET C 60 25.18 -11.16 -6.81
N ARG C 61 25.29 -10.26 -5.84
CA ARG C 61 26.26 -9.19 -5.89
C ARG C 61 27.69 -9.73 -5.86
N ILE C 62 27.94 -10.72 -4.99
CA ILE C 62 29.25 -11.34 -4.87
C ILE C 62 29.60 -12.15 -6.14
N LEU C 63 28.60 -12.85 -6.66
CA LEU C 63 28.76 -13.70 -7.83
C LEU C 63 28.75 -13.05 -9.20
N HIS C 64 27.82 -12.12 -9.44
CA HIS C 64 27.68 -11.52 -10.77
C HIS C 64 27.84 -10.00 -10.96
N VAL C 65 28.33 -9.29 -9.96
CA VAL C 65 28.51 -7.84 -10.13
C VAL C 65 29.97 -7.40 -10.04
N GLY C 86 35.14 -2.45 -0.06
CA GLY C 86 34.89 -1.03 -0.25
C GLY C 86 33.89 -0.47 0.74
N GLU C 87 32.68 -1.01 0.72
CA GLU C 87 31.61 -0.57 1.63
C GLU C 87 31.65 -1.38 2.94
N LYS C 88 32.60 -2.31 3.02
CA LYS C 88 32.78 -3.19 4.18
C LYS C 88 32.91 -2.45 5.53
N ALA C 89 33.55 -1.27 5.51
CA ALA C 89 33.73 -0.47 6.72
C ALA C 89 32.42 -0.01 7.35
N THR C 90 31.43 0.26 6.50
CA THR C 90 30.12 0.71 6.94
C THR C 90 29.35 -0.39 7.67
N LYS C 91 29.53 -1.63 7.23
CA LYS C 91 28.85 -2.80 7.80
C LYS C 91 29.40 -3.30 9.14
N VAL C 92 30.51 -2.72 9.60
CA VAL C 92 31.10 -3.15 10.87
C VAL C 92 30.16 -2.83 12.02
N GLN C 93 29.56 -1.64 11.96
CA GLN C 93 28.62 -1.17 12.98
C GLN C 93 27.39 -2.09 13.06
N ASP C 94 26.91 -2.55 11.91
CA ASP C 94 25.77 -3.46 11.87
C ASP C 94 26.12 -4.83 12.45
N ILE C 95 27.38 -5.24 12.28
CA ILE C 95 27.84 -6.53 12.79
C ILE C 95 27.96 -6.50 14.31
N LYS C 96 28.45 -5.37 14.85
CA LYS C 96 28.59 -5.23 16.29
C LYS C 96 27.21 -5.15 16.95
N ASN C 97 26.22 -4.63 16.22
CA ASN C 97 24.86 -4.53 16.73
C ASN C 97 24.26 -5.93 16.83
N ASN C 98 24.51 -6.76 15.81
CA ASN C 98 24.02 -8.14 15.81
C ASN C 98 24.59 -8.88 17.02
N LEU C 99 25.87 -8.61 17.30
CA LEU C 99 26.56 -9.24 18.41
C LEU C 99 25.90 -8.81 19.73
N LYS C 100 25.68 -7.52 19.89
CA LYS C 100 25.07 -7.02 21.10
C LYS C 100 23.64 -7.54 21.26
N GLU C 101 22.89 -7.62 20.16
CA GLU C 101 21.53 -8.12 20.21
C GLU C 101 21.44 -9.59 20.60
N ALA C 102 22.38 -10.39 20.10
CA ALA C 102 22.40 -11.80 20.39
C ALA C 102 22.69 -12.08 21.86
N ILE C 103 23.69 -11.40 22.42
CA ILE C 103 24.06 -11.63 23.81
C ILE C 103 23.00 -11.14 24.79
N GLU C 104 22.43 -9.98 24.54
CA GLU C 104 21.42 -9.46 25.43
C GLU C 104 20.12 -10.25 25.38
N THR C 105 19.77 -10.80 24.22
CA THR C 105 18.55 -11.60 24.08
C THR C 105 18.66 -12.90 24.84
N ILE C 106 19.79 -13.60 24.69
CA ILE C 106 19.99 -14.87 25.39
C ILE C 106 19.99 -14.66 26.90
N VAL C 107 20.56 -13.54 27.33
CA VAL C 107 20.64 -13.20 28.75
C VAL C 107 19.28 -12.85 29.38
N ALA C 108 18.50 -12.06 28.64
CA ALA C 108 17.18 -11.63 29.09
C ALA C 108 16.18 -12.78 29.21
N ALA C 109 16.41 -13.85 28.45
CA ALA C 109 15.51 -14.99 28.45
C ALA C 109 15.75 -16.02 29.56
N MET C 110 16.94 -16.00 30.14
CA MET C 110 17.28 -16.94 31.20
C MET C 110 16.29 -17.02 32.38
N SER C 111 15.79 -15.87 32.81
CA SER C 111 14.86 -15.81 33.93
C SER C 111 13.37 -15.97 33.57
N ASN C 112 13.06 -15.93 32.28
CA ASN C 112 11.68 -16.08 31.83
C ASN C 112 11.27 -17.47 31.38
N LEU C 113 12.23 -18.34 31.13
CA LEU C 113 11.90 -19.70 30.70
C LEU C 113 11.26 -20.55 31.81
N VAL C 114 10.53 -21.57 31.38
CA VAL C 114 9.84 -22.47 32.30
C VAL C 114 10.28 -23.90 31.99
N PRO C 115 11.17 -24.47 32.82
CA PRO C 115 11.78 -23.86 34.00
C PRO C 115 12.93 -22.90 33.64
N PRO C 116 13.29 -22.00 34.56
CA PRO C 116 14.38 -21.04 34.35
C PRO C 116 15.74 -21.73 34.31
N VAL C 117 16.67 -21.16 33.54
CA VAL C 117 18.02 -21.71 33.45
C VAL C 117 18.91 -20.91 34.39
N GLU C 118 19.74 -21.61 35.16
CA GLU C 118 20.64 -20.97 36.12
C GLU C 118 22.07 -20.88 35.58
N LEU C 119 22.79 -19.83 35.99
CA LEU C 119 24.16 -19.64 35.57
C LEU C 119 25.04 -20.68 36.23
N ALA C 120 26.06 -21.15 35.52
CA ALA C 120 26.98 -22.15 36.06
C ALA C 120 28.06 -21.51 36.94
N ASN C 121 28.25 -20.20 36.80
CA ASN C 121 29.27 -19.47 37.58
C ASN C 121 28.68 -18.16 38.13
N PRO C 122 28.71 -18.00 39.46
CA PRO C 122 28.17 -16.85 40.21
C PRO C 122 28.79 -15.53 39.80
N GLU C 123 30.04 -15.59 39.38
CA GLU C 123 30.78 -14.42 38.94
C GLU C 123 30.04 -13.76 37.78
N ASN C 124 29.45 -14.60 36.93
CA ASN C 124 28.72 -14.16 35.77
C ASN C 124 27.43 -13.40 36.03
N GLN C 125 26.97 -13.41 37.28
CA GLN C 125 25.74 -12.69 37.62
C GLN C 125 25.97 -11.19 37.44
N PHE C 126 27.21 -10.76 37.66
CA PHE C 126 27.55 -9.35 37.53
C PHE C 126 27.65 -8.95 36.07
N ARG C 127 28.13 -9.87 35.24
CA ARG C 127 28.24 -9.61 33.80
C ARG C 127 26.83 -9.53 33.19
N VAL C 128 25.89 -10.27 33.76
CA VAL C 128 24.50 -10.26 33.28
C VAL C 128 23.89 -8.91 33.64
N ASP C 129 24.22 -8.44 34.85
CA ASP C 129 23.73 -7.16 35.33
C ASP C 129 24.29 -6.07 34.44
N TYR C 130 25.55 -6.25 34.00
CA TYR C 130 26.20 -5.30 33.11
C TYR C 130 25.50 -5.21 31.75
N ILE C 131 25.34 -6.36 31.09
CA ILE C 131 24.68 -6.42 29.77
C ILE C 131 23.28 -5.80 29.75
N LEU C 132 22.49 -6.07 30.80
CA LEU C 132 21.14 -5.54 30.89
C LEU C 132 21.07 -4.03 31.10
N SER C 133 22.09 -3.47 31.77
CA SER C 133 22.13 -2.05 32.01
C SER C 133 22.43 -1.23 30.76
N VAL C 134 23.05 -1.86 29.76
CA VAL C 134 23.38 -1.17 28.52
C VAL C 134 22.47 -1.56 27.36
N MET C 135 21.53 -2.48 27.63
CA MET C 135 20.61 -2.98 26.63
C MET C 135 19.91 -1.93 25.76
N ASN C 136 19.25 -0.96 26.42
CA ASN C 136 18.53 0.06 25.66
C ASN C 136 19.32 1.31 25.29
N VAL C 137 20.61 1.33 25.60
CA VAL C 137 21.47 2.48 25.29
C VAL C 137 21.50 2.73 23.78
N PRO C 138 21.04 3.92 23.35
CA PRO C 138 20.99 4.34 21.94
C PRO C 138 22.32 4.16 21.22
N ASP C 139 23.22 5.13 21.37
CA ASP C 139 24.53 5.05 20.71
C ASP C 139 25.60 4.45 21.62
N PHE C 140 25.75 3.14 21.52
CA PHE C 140 26.72 2.40 22.31
C PHE C 140 28.09 2.51 21.63
N ASP C 141 29.08 2.97 22.40
CA ASP C 141 30.45 3.16 21.90
C ASP C 141 31.31 1.89 21.86
N PHE C 142 30.75 0.78 22.32
CA PHE C 142 31.44 -0.52 22.34
C PHE C 142 32.86 -0.50 22.96
N PRO C 143 32.94 -0.31 24.30
CA PRO C 143 34.21 -0.29 25.01
C PRO C 143 34.78 -1.70 24.99
N PRO C 144 36.08 -1.84 25.26
CA PRO C 144 36.77 -3.13 25.27
C PRO C 144 36.22 -4.08 26.33
N GLU C 145 35.57 -3.50 27.33
CA GLU C 145 34.98 -4.23 28.46
C GLU C 145 33.80 -5.05 28.01
N PHE C 146 32.97 -4.45 27.15
CA PHE C 146 31.78 -5.09 26.62
C PHE C 146 32.10 -6.46 26.01
N TYR C 147 33.12 -6.53 25.16
CA TYR C 147 33.51 -7.78 24.53
C TYR C 147 34.00 -8.79 25.57
N GLU C 148 34.64 -8.31 26.63
CA GLU C 148 35.15 -9.20 27.67
C GLU C 148 33.99 -9.88 28.39
N HIS C 149 32.94 -9.10 28.68
CA HIS C 149 31.77 -9.64 29.37
C HIS C 149 30.97 -10.59 28.51
N ALA C 150 30.77 -10.23 27.24
CA ALA C 150 30.01 -11.07 26.30
C ALA C 150 30.70 -12.42 26.12
N LYS C 151 32.01 -12.39 25.93
CA LYS C 151 32.81 -13.60 25.75
C LYS C 151 32.75 -14.47 27.01
N ALA C 152 32.81 -13.82 28.17
CA ALA C 152 32.75 -14.54 29.44
C ALA C 152 31.41 -15.26 29.57
N LEU C 153 30.33 -14.52 29.29
CA LEU C 153 28.97 -15.05 29.36
C LEU C 153 28.69 -16.21 28.39
N TRP C 154 29.21 -16.08 27.17
CA TRP C 154 29.02 -17.10 26.14
C TRP C 154 29.74 -18.42 26.45
N GLU C 155 30.69 -18.41 27.38
CA GLU C 155 31.41 -19.63 27.77
C GLU C 155 30.75 -20.32 28.97
N ASP C 156 29.89 -19.58 29.67
CA ASP C 156 29.16 -20.11 30.81
C ASP C 156 28.21 -21.18 30.30
N GLU C 157 28.29 -22.38 30.88
CA GLU C 157 27.44 -23.50 30.48
C GLU C 157 25.95 -23.22 30.62
N GLY C 158 25.58 -22.44 31.63
CA GLY C 158 24.18 -22.10 31.85
C GLY C 158 23.63 -21.27 30.70
N VAL C 159 24.40 -20.27 30.27
CA VAL C 159 24.04 -19.39 29.16
C VAL C 159 23.94 -20.22 27.88
N ARG C 160 24.79 -21.23 27.76
CA ARG C 160 24.81 -22.09 26.59
C ARG C 160 23.56 -22.97 26.55
N ALA C 161 23.09 -23.42 27.72
CA ALA C 161 21.90 -24.24 27.81
C ALA C 161 20.67 -23.44 27.40
N CYS C 162 20.62 -22.17 27.80
CA CYS C 162 19.52 -21.28 27.45
C CYS C 162 19.48 -21.09 25.94
N TYR C 163 20.66 -21.16 25.32
CA TYR C 163 20.80 -21.01 23.87
C TYR C 163 20.23 -22.24 23.15
N GLU C 164 20.33 -23.41 23.78
CA GLU C 164 19.81 -24.66 23.22
C GLU C 164 18.29 -24.65 23.23
N ARG C 165 17.71 -23.69 23.94
CA ARG C 165 16.26 -23.57 24.02
C ARG C 165 15.80 -22.27 23.35
N SER C 166 16.61 -21.75 22.42
CA SER C 166 16.31 -20.51 21.71
C SER C 166 15.04 -20.53 20.84
N ASN C 167 14.54 -21.71 20.52
CA ASN C 167 13.32 -21.80 19.72
C ASN C 167 12.12 -21.39 20.58
N GLU C 168 12.35 -21.18 21.88
CA GLU C 168 11.31 -20.79 22.83
C GLU C 168 11.17 -19.27 22.97
N TYR C 169 12.09 -18.53 22.35
CA TYR C 169 12.04 -17.07 22.35
C TYR C 169 12.52 -16.61 20.97
N GLN C 170 12.67 -15.30 20.78
CA GLN C 170 13.11 -14.79 19.47
C GLN C 170 14.59 -14.42 19.40
N LEU C 171 15.38 -15.25 18.73
CA LEU C 171 16.82 -15.02 18.58
C LEU C 171 17.25 -15.09 17.12
N ILE C 172 18.00 -14.08 16.67
CA ILE C 172 18.51 -14.01 15.30
C ILE C 172 19.40 -15.22 14.95
N ASP C 173 19.40 -15.61 13.67
CA ASP C 173 20.16 -16.78 13.21
C ASP C 173 21.70 -16.67 13.31
N CYS C 174 22.22 -15.46 13.20
CA CYS C 174 23.67 -15.23 13.23
C CYS C 174 24.28 -15.21 14.64
N ALA C 175 23.47 -15.51 15.64
CA ALA C 175 23.89 -15.52 17.04
C ALA C 175 25.18 -16.29 17.34
N GLN C 176 25.18 -17.59 17.05
CA GLN C 176 26.36 -18.41 17.32
C GLN C 176 27.56 -18.09 16.42
N TYR C 177 27.29 -17.67 15.19
CA TYR C 177 28.37 -17.33 14.27
C TYR C 177 29.18 -16.13 14.76
N PHE C 178 28.50 -15.08 15.24
CA PHE C 178 29.21 -13.90 15.72
C PHE C 178 29.78 -14.04 17.12
N LEU C 179 29.05 -14.71 18.01
CA LEU C 179 29.52 -14.91 19.38
C LEU C 179 30.76 -15.78 19.42
N ASP C 180 30.96 -16.62 18.41
CA ASP C 180 32.11 -17.51 18.35
C ASP C 180 33.39 -16.80 17.91
N LYS C 181 33.26 -15.58 17.41
CA LYS C 181 34.41 -14.81 16.94
C LYS C 181 34.45 -13.39 17.47
N ILE C 182 34.18 -13.24 18.76
CA ILE C 182 34.20 -11.95 19.42
C ILE C 182 35.62 -11.38 19.38
N ASP C 183 36.62 -12.27 19.51
CA ASP C 183 38.02 -11.86 19.50
C ASP C 183 38.45 -11.29 18.16
N VAL C 184 37.69 -11.57 17.11
CA VAL C 184 38.02 -11.08 15.77
C VAL C 184 37.37 -9.72 15.52
N ILE C 185 36.09 -9.62 15.87
CA ILE C 185 35.30 -8.40 15.68
C ILE C 185 35.74 -7.22 16.54
N LYS C 186 36.25 -7.50 17.74
CA LYS C 186 36.68 -6.46 18.68
C LYS C 186 37.91 -5.64 18.29
N GLN C 187 38.71 -6.17 17.36
CA GLN C 187 39.91 -5.49 16.88
C GLN C 187 39.56 -4.21 16.14
N ASP C 188 40.39 -3.18 16.35
CA ASP C 188 40.19 -1.89 15.71
C ASP C 188 40.56 -1.98 14.23
N ASP C 189 41.45 -2.92 13.91
CA ASP C 189 41.90 -3.16 12.54
C ASP C 189 41.06 -4.24 11.84
N TYR C 190 39.95 -4.63 12.47
CA TYR C 190 39.04 -5.67 11.95
C TYR C 190 38.38 -5.35 10.60
N VAL C 191 38.43 -6.33 9.71
CA VAL C 191 37.84 -6.19 8.38
C VAL C 191 36.88 -7.35 8.12
N PRO C 192 35.59 -7.02 7.93
CA PRO C 192 34.54 -8.03 7.67
C PRO C 192 34.84 -8.91 6.47
N SER C 193 34.77 -10.23 6.66
CA SER C 193 35.00 -11.17 5.57
C SER C 193 33.70 -11.28 4.76
N ASP C 194 33.76 -11.99 3.62
CA ASP C 194 32.58 -12.16 2.78
C ASP C 194 31.46 -12.85 3.55
N GLN C 195 31.84 -13.89 4.31
CA GLN C 195 30.89 -14.65 5.10
C GLN C 195 30.28 -13.81 6.23
N ASP C 196 31.05 -12.85 6.76
CA ASP C 196 30.54 -11.97 7.81
C ASP C 196 29.38 -11.12 7.29
N LEU C 197 29.55 -10.58 6.08
CA LEU C 197 28.52 -9.75 5.47
C LEU C 197 27.28 -10.56 5.05
N LEU C 198 27.45 -11.86 4.87
CA LEU C 198 26.34 -12.73 4.51
C LEU C 198 25.50 -13.09 5.73
N ARG C 199 26.11 -13.09 6.91
CA ARG C 199 25.39 -13.42 8.13
C ARG C 199 24.76 -12.18 8.78
N CYS C 200 25.34 -11.02 8.55
CA CYS C 200 24.83 -9.79 9.12
C CYS C 200 23.36 -9.56 8.79
N ARG C 201 22.51 -9.57 9.81
CA ARG C 201 21.06 -9.40 9.65
C ARG C 201 20.58 -7.96 9.84
N VAL C 202 19.82 -7.48 8.87
CA VAL C 202 19.26 -6.13 8.92
C VAL C 202 17.90 -6.20 8.23
N LEU C 203 16.86 -5.92 9.01
CA LEU C 203 15.47 -5.94 8.53
C LEU C 203 15.24 -5.11 7.27
N THR C 204 14.48 -5.70 6.34
CA THR C 204 14.13 -5.07 5.06
C THR C 204 12.80 -4.30 5.13
N SER C 205 12.83 -3.03 4.75
CA SER C 205 11.64 -2.18 4.74
C SER C 205 11.56 -1.44 3.40
N GLY C 206 10.58 -1.81 2.59
CA GLY C 206 10.42 -1.20 1.28
C GLY C 206 10.86 -2.16 0.18
N ILE C 207 11.01 -1.64 -1.04
CA ILE C 207 11.44 -2.47 -2.17
C ILE C 207 12.79 -2.02 -2.71
N PHE C 208 13.66 -2.99 -3.02
CA PHE C 208 15.00 -2.70 -3.54
C PHE C 208 15.30 -3.47 -4.83
N GLU C 209 15.75 -2.76 -5.85
CA GLU C 209 16.07 -3.37 -7.14
C GLU C 209 17.57 -3.47 -7.40
N THR C 210 18.05 -4.69 -7.59
CA THR C 210 19.47 -4.97 -7.88
C THR C 210 19.59 -5.44 -9.33
N LYS C 211 20.46 -4.78 -10.09
CA LYS C 211 20.65 -5.12 -11.50
C LYS C 211 21.99 -5.80 -11.80
N PHE C 212 21.94 -6.94 -12.48
CA PHE C 212 23.15 -7.65 -12.88
C PHE C 212 23.06 -8.26 -14.28
N GLN C 213 24.18 -8.79 -14.75
CA GLN C 213 24.27 -9.40 -16.08
C GLN C 213 25.05 -10.72 -16.03
N VAL C 214 24.53 -11.74 -16.70
CA VAL C 214 25.17 -13.06 -16.73
C VAL C 214 25.18 -13.59 -18.17
N ASP C 215 26.36 -13.62 -18.79
CA ASP C 215 26.51 -14.09 -20.17
C ASP C 215 25.67 -13.23 -21.11
N LYS C 216 25.75 -11.92 -20.90
CA LYS C 216 25.01 -10.93 -21.69
C LYS C 216 23.49 -11.08 -21.64
N VAL C 217 22.99 -11.51 -20.48
CA VAL C 217 21.55 -11.67 -20.24
C VAL C 217 21.26 -10.83 -18.99
N ASN C 218 20.27 -9.94 -19.08
CA ASN C 218 19.96 -9.07 -17.95
C ASN C 218 18.98 -9.61 -16.91
N PHE C 219 19.20 -9.22 -15.66
CA PHE C 219 18.35 -9.63 -14.55
C PHE C 219 18.09 -8.46 -13.61
N HIS C 220 16.82 -8.20 -13.33
CA HIS C 220 16.41 -7.15 -12.40
C HIS C 220 15.78 -7.95 -11.26
N MET C 221 16.39 -7.90 -10.08
CA MET C 221 15.88 -8.64 -8.93
C MET C 221 15.30 -7.72 -7.85
N PHE C 222 14.05 -7.97 -7.47
CA PHE C 222 13.38 -7.16 -6.44
C PHE C 222 13.32 -7.83 -5.08
N ASP C 223 13.77 -7.10 -4.06
CA ASP C 223 13.79 -7.60 -2.69
C ASP C 223 12.73 -6.86 -1.87
N VAL C 224 11.91 -7.62 -1.14
CA VAL C 224 10.84 -7.04 -0.34
C VAL C 224 10.84 -7.51 1.11
N GLY C 225 10.25 -6.73 2.00
CA GLY C 225 10.17 -7.13 3.39
C GLY C 225 9.19 -8.27 3.47
N GLY C 226 9.52 -9.28 4.26
CA GLY C 226 8.64 -10.44 4.40
C GLY C 226 7.70 -10.40 5.58
N GLN C 227 7.93 -9.49 6.54
CA GLN C 227 7.04 -9.38 7.70
C GLN C 227 5.65 -8.87 7.29
N ARG C 228 4.64 -9.29 8.04
CA ARG C 228 3.25 -8.93 7.75
C ARG C 228 2.89 -7.55 7.27
N ASP C 229 3.38 -6.52 7.95
CA ASP C 229 3.06 -5.15 7.57
C ASP C 229 3.74 -4.73 6.27
N GLU C 230 4.78 -5.47 5.89
CA GLU C 230 5.54 -5.19 4.68
C GLU C 230 4.92 -5.83 3.45
N ARG C 231 4.15 -6.89 3.64
CA ARG C 231 3.54 -7.60 2.53
C ARG C 231 2.64 -6.76 1.65
N ARG C 232 2.13 -5.65 2.18
CA ARG C 232 1.24 -4.77 1.44
C ARG C 232 1.90 -4.00 0.32
N LYS C 233 3.21 -4.22 0.15
CA LYS C 233 3.97 -3.54 -0.91
C LYS C 233 4.24 -4.44 -2.10
N TRP C 234 4.16 -5.75 -1.90
CA TRP C 234 4.39 -6.74 -2.94
C TRP C 234 3.63 -6.47 -4.25
N ILE C 235 2.35 -6.15 -4.12
CA ILE C 235 1.45 -5.87 -5.25
C ILE C 235 2.08 -4.98 -6.31
N GLN C 236 2.90 -4.02 -5.88
CA GLN C 236 3.55 -3.09 -6.79
C GLN C 236 4.58 -3.75 -7.71
N CYS C 237 4.79 -5.05 -7.55
CA CYS C 237 5.73 -5.81 -8.37
C CYS C 237 5.08 -6.97 -9.11
N PHE C 238 3.78 -7.17 -8.90
CA PHE C 238 3.10 -8.27 -9.55
C PHE C 238 3.06 -8.19 -11.08
N ASN C 239 2.64 -7.06 -11.62
CA ASN C 239 2.54 -6.88 -13.07
C ASN C 239 3.85 -7.05 -13.83
N ASP C 240 3.82 -7.90 -14.86
CA ASP C 240 4.98 -8.19 -15.69
C ASP C 240 6.22 -8.62 -14.89
N VAL C 241 6.08 -9.75 -14.22
CA VAL C 241 7.15 -10.35 -13.45
C VAL C 241 7.47 -11.62 -14.24
N THR C 242 8.75 -11.89 -14.44
CA THR C 242 9.15 -13.06 -15.20
C THR C 242 8.93 -14.32 -14.37
N ALA C 243 9.36 -14.28 -13.12
CA ALA C 243 9.21 -15.42 -12.23
C ALA C 243 9.35 -14.99 -10.78
N ILE C 244 8.82 -15.80 -9.88
CA ILE C 244 8.88 -15.50 -8.47
C ILE C 244 9.77 -16.51 -7.79
N ILE C 245 10.57 -16.04 -6.84
CA ILE C 245 11.44 -16.90 -6.06
C ILE C 245 10.88 -16.86 -4.65
N PHE C 246 10.25 -17.94 -4.23
CA PHE C 246 9.68 -18.00 -2.90
C PHE C 246 10.71 -18.68 -2.03
N VAL C 247 11.10 -18.00 -0.94
CA VAL C 247 12.10 -18.49 0.00
C VAL C 247 11.46 -18.96 1.30
N VAL C 248 11.94 -20.08 1.84
CA VAL C 248 11.39 -20.62 3.07
C VAL C 248 12.48 -21.08 4.04
N ALA C 249 12.24 -20.87 5.33
CA ALA C 249 13.17 -21.29 6.37
C ALA C 249 12.82 -22.71 6.81
N SER C 250 13.30 -23.67 6.03
CA SER C 250 13.06 -25.09 6.27
C SER C 250 13.35 -25.56 7.69
N SER C 251 14.30 -24.92 8.35
CA SER C 251 14.70 -25.27 9.70
C SER C 251 13.87 -24.66 10.82
N SER C 252 12.95 -23.78 10.48
CA SER C 252 12.13 -23.11 11.49
C SER C 252 10.82 -23.79 11.86
N TYR C 253 10.81 -25.12 11.83
CA TYR C 253 9.62 -25.89 12.15
C TYR C 253 9.24 -25.87 13.64
N ASN C 254 10.21 -25.59 14.51
CA ASN C 254 9.98 -25.55 15.95
C ASN C 254 9.97 -24.13 16.53
N MET C 255 9.72 -23.15 15.67
CA MET C 255 9.70 -21.74 16.08
C MET C 255 8.39 -21.03 15.72
N VAL C 256 8.12 -19.90 16.39
CA VAL C 256 6.94 -19.11 16.10
C VAL C 256 7.42 -17.80 15.49
N ILE C 257 6.55 -17.13 14.73
CA ILE C 257 6.93 -15.88 14.10
C ILE C 257 7.00 -14.78 15.12
N ARG C 258 7.58 -13.65 14.72
CA ARG C 258 7.72 -12.49 15.60
C ARG C 258 6.46 -11.66 15.75
N GLU C 259 5.72 -11.49 14.67
CA GLU C 259 4.52 -10.67 14.66
C GLU C 259 3.47 -10.92 15.74
N ASP C 260 3.34 -12.18 16.18
CA ASP C 260 2.37 -12.51 17.24
C ASP C 260 2.93 -13.42 18.34
N ASN C 261 4.05 -14.06 18.08
CA ASN C 261 4.69 -14.95 19.05
C ASN C 261 3.92 -16.25 19.29
N GLN C 262 3.06 -16.64 18.35
CA GLN C 262 2.25 -17.86 18.48
C GLN C 262 2.17 -18.73 17.23
N THR C 263 2.07 -18.12 16.06
CA THR C 263 1.97 -18.86 14.81
C THR C 263 3.27 -19.53 14.40
N ASN C 264 3.20 -20.84 14.16
CA ASN C 264 4.37 -21.64 13.77
C ASN C 264 4.98 -21.06 12.50
N ARG C 265 6.30 -20.91 12.51
CA ARG C 265 7.02 -20.33 11.39
C ARG C 265 6.79 -21.03 10.06
N LEU C 266 6.99 -22.34 10.05
CA LEU C 266 6.80 -23.11 8.81
C LEU C 266 5.35 -23.00 8.36
N GLN C 267 4.42 -23.10 9.30
CA GLN C 267 2.99 -23.00 8.99
C GLN C 267 2.70 -21.63 8.36
N GLU C 268 3.34 -20.57 8.84
CA GLU C 268 3.15 -19.25 8.26
C GLU C 268 3.63 -19.25 6.81
N ALA C 269 4.76 -19.92 6.54
CA ALA C 269 5.29 -19.97 5.19
C ALA C 269 4.33 -20.71 4.28
N LEU C 270 3.84 -21.86 4.75
CA LEU C 270 2.87 -22.66 3.99
C LEU C 270 1.62 -21.84 3.62
N ASN C 271 1.06 -21.10 4.58
CA ASN C 271 -0.12 -20.28 4.32
C ASN C 271 0.20 -19.17 3.33
N LEU C 272 1.39 -18.58 3.48
CA LEU C 272 1.85 -17.50 2.61
C LEU C 272 2.07 -18.01 1.18
N PHE C 273 2.59 -19.23 1.05
CA PHE C 273 2.82 -19.82 -0.27
C PHE C 273 1.48 -20.10 -0.95
N LYS C 274 0.54 -20.67 -0.19
CA LYS C 274 -0.79 -20.98 -0.72
C LYS C 274 -1.49 -19.70 -1.23
N SER C 275 -1.23 -18.57 -0.57
CA SER C 275 -1.80 -17.29 -0.97
C SER C 275 -1.17 -16.78 -2.26
N ILE C 276 0.10 -17.09 -2.45
CA ILE C 276 0.84 -16.67 -3.64
C ILE C 276 0.49 -17.52 -4.85
N TRP C 277 0.60 -18.85 -4.67
CA TRP C 277 0.28 -19.82 -5.70
C TRP C 277 -1.14 -19.63 -6.25
N ASN C 278 -2.09 -19.39 -5.36
CA ASN C 278 -3.49 -19.20 -5.77
C ASN C 278 -3.93 -17.75 -5.97
N ASN C 279 -2.97 -16.82 -6.00
CA ASN C 279 -3.29 -15.41 -6.19
C ASN C 279 -3.95 -15.17 -7.53
N ARG C 280 -4.94 -14.28 -7.55
CA ARG C 280 -5.69 -13.95 -8.77
C ARG C 280 -4.87 -13.20 -9.81
N TRP C 281 -3.78 -12.57 -9.39
CA TRP C 281 -2.94 -11.81 -10.32
C TRP C 281 -1.65 -12.53 -10.69
N LEU C 282 -1.51 -13.78 -10.28
CA LEU C 282 -0.31 -14.57 -10.56
C LEU C 282 -0.65 -15.98 -11.05
N ARG C 283 -1.79 -16.09 -11.73
CA ARG C 283 -2.27 -17.36 -12.25
C ARG C 283 -1.39 -18.03 -13.30
N THR C 284 -0.64 -17.23 -14.07
CA THR C 284 0.26 -17.74 -15.11
C THR C 284 1.74 -17.48 -14.80
N ILE C 285 2.06 -17.20 -13.54
CA ILE C 285 3.44 -16.92 -13.14
C ILE C 285 4.06 -18.11 -12.41
N SER C 286 5.17 -18.63 -12.95
CA SER C 286 5.83 -19.75 -12.31
C SER C 286 6.58 -19.35 -11.05
N VAL C 287 6.70 -20.32 -10.14
CA VAL C 287 7.37 -20.10 -8.87
C VAL C 287 8.56 -21.02 -8.61
N ILE C 288 9.73 -20.41 -8.44
CA ILE C 288 10.94 -21.15 -8.11
C ILE C 288 10.98 -21.12 -6.59
N LEU C 289 10.90 -22.30 -5.99
CA LEU C 289 10.84 -22.46 -4.55
C LEU C 289 12.20 -22.80 -3.92
N PHE C 290 12.69 -21.92 -3.05
CA PHE C 290 13.97 -22.16 -2.37
C PHE C 290 13.73 -22.67 -0.96
N LEU C 291 13.95 -23.96 -0.73
CA LEU C 291 13.78 -24.53 0.60
C LEU C 291 15.11 -24.27 1.29
N ASN C 292 15.22 -23.06 1.84
CA ASN C 292 16.41 -22.54 2.49
C ASN C 292 16.71 -23.07 3.89
N LYS C 293 17.94 -22.79 4.35
CA LYS C 293 18.44 -23.19 5.66
C LYS C 293 18.63 -24.70 5.84
N GLN C 294 19.08 -25.35 4.77
CA GLN C 294 19.30 -26.79 4.77
C GLN C 294 20.32 -27.23 5.81
N ASP C 295 21.29 -26.37 6.08
CA ASP C 295 22.33 -26.64 7.07
C ASP C 295 21.79 -26.69 8.50
N LEU C 296 20.87 -25.78 8.82
CA LEU C 296 20.29 -25.77 10.17
C LEU C 296 19.26 -26.89 10.32
N LEU C 297 18.61 -27.28 9.21
CA LEU C 297 17.63 -28.36 9.22
C LEU C 297 18.30 -29.66 9.62
N ALA C 298 19.37 -30.00 8.92
CA ALA C 298 20.13 -31.23 9.20
C ALA C 298 20.64 -31.25 10.64
N GLU C 299 21.23 -30.13 11.07
CA GLU C 299 21.74 -30.02 12.45
C GLU C 299 20.61 -30.32 13.46
N LYS C 300 19.46 -29.69 13.27
CA LYS C 300 18.30 -29.89 14.15
C LYS C 300 17.80 -31.34 14.10
N VAL C 301 17.65 -31.87 12.90
CA VAL C 301 17.19 -33.24 12.73
C VAL C 301 18.12 -34.24 13.43
N LEU C 302 19.42 -34.11 13.18
CA LEU C 302 20.42 -34.99 13.77
C LEU C 302 20.58 -34.88 15.28
N ALA C 303 20.38 -33.69 15.83
CA ALA C 303 20.51 -33.46 17.28
C ALA C 303 19.46 -34.21 18.09
N GLY C 304 18.34 -34.57 17.46
CA GLY C 304 17.27 -35.32 18.09
C GLY C 304 16.53 -34.79 19.30
N LYS C 305 16.69 -33.50 19.61
CA LYS C 305 16.01 -32.92 20.77
C LYS C 305 14.64 -32.31 20.42
N SER C 306 14.48 -31.86 19.18
CA SER C 306 13.23 -31.25 18.75
C SER C 306 12.64 -31.99 17.57
N LYS C 307 11.82 -33.00 17.88
CA LYS C 307 11.17 -33.85 16.88
C LYS C 307 10.21 -33.15 15.92
N ILE C 308 10.35 -33.45 14.64
CA ILE C 308 9.48 -32.85 13.63
C ILE C 308 8.01 -33.28 13.78
N GLU C 309 7.78 -34.55 14.10
CA GLU C 309 6.41 -35.02 14.25
C GLU C 309 5.66 -34.44 15.45
N ASP C 310 6.35 -33.71 16.31
CA ASP C 310 5.68 -33.11 17.47
C ASP C 310 5.15 -31.72 17.12
N TYR C 311 5.32 -31.33 15.86
CA TYR C 311 4.86 -30.03 15.37
C TYR C 311 3.96 -30.25 14.16
N PHE C 312 4.31 -31.24 13.36
CA PHE C 312 3.56 -31.61 12.17
C PHE C 312 3.33 -33.12 12.24
N PRO C 313 2.23 -33.55 12.86
CA PRO C 313 1.83 -34.95 13.09
C PRO C 313 1.92 -35.83 11.87
N GLU C 314 1.62 -35.26 10.70
CA GLU C 314 1.65 -35.97 9.44
C GLU C 314 3.02 -36.59 9.10
N PHE C 315 4.07 -36.10 9.75
CA PHE C 315 5.41 -36.61 9.51
C PHE C 315 5.53 -38.08 9.86
N ALA C 316 4.75 -38.54 10.84
CA ALA C 316 4.80 -39.94 11.27
C ALA C 316 4.28 -40.96 10.23
N ARG C 317 3.52 -40.49 9.24
CA ARG C 317 2.97 -41.36 8.18
C ARG C 317 3.78 -41.21 6.89
N TYR C 318 4.88 -40.46 6.96
CA TYR C 318 5.71 -40.17 5.80
C TYR C 318 6.97 -41.02 5.60
N THR C 319 7.11 -41.56 4.40
CA THR C 319 8.28 -42.36 4.01
C THR C 319 8.93 -41.67 2.81
N THR C 320 10.24 -41.80 2.67
CA THR C 320 10.99 -41.17 1.58
C THR C 320 10.58 -41.67 0.20
N PRO C 321 10.35 -40.73 -0.75
CA PRO C 321 9.95 -41.04 -2.12
C PRO C 321 11.01 -41.80 -2.94
N GLU C 322 10.57 -42.40 -4.05
CA GLU C 322 11.43 -43.17 -4.94
C GLU C 322 12.41 -42.25 -5.67
N ASP C 323 11.87 -41.20 -6.29
CA ASP C 323 12.65 -40.22 -7.04
C ASP C 323 13.68 -39.47 -6.19
N ALA C 324 13.74 -39.81 -4.90
CA ALA C 324 14.65 -39.17 -3.95
C ALA C 324 16.12 -39.28 -4.34
N THR C 325 16.79 -38.14 -4.38
CA THR C 325 18.21 -38.09 -4.72
C THR C 325 18.99 -37.50 -3.54
N PRO C 326 19.39 -38.35 -2.58
CA PRO C 326 20.17 -37.88 -1.43
C PRO C 326 21.58 -37.50 -1.84
N GLU C 327 22.18 -36.56 -1.10
CA GLU C 327 23.55 -36.14 -1.38
C GLU C 327 24.47 -37.27 -0.92
N PRO C 328 25.70 -37.31 -1.45
CA PRO C 328 26.62 -38.36 -1.01
C PRO C 328 26.94 -38.26 0.48
N GLY C 329 26.73 -39.35 1.22
CA GLY C 329 27.01 -39.36 2.65
C GLY C 329 25.89 -38.83 3.54
N GLU C 330 24.84 -38.32 2.91
CA GLU C 330 23.69 -37.76 3.63
C GLU C 330 22.94 -38.82 4.45
N ASP C 331 22.66 -38.50 5.70
CA ASP C 331 21.94 -39.41 6.59
C ASP C 331 20.49 -39.56 6.12
N PRO C 332 19.94 -40.80 6.14
CA PRO C 332 18.56 -41.08 5.73
C PRO C 332 17.54 -40.22 6.47
N ARG C 333 17.80 -39.96 7.75
CA ARG C 333 16.91 -39.12 8.55
C ARG C 333 16.81 -37.72 7.98
N VAL C 334 17.95 -37.17 7.55
CA VAL C 334 17.98 -35.84 6.96
C VAL C 334 17.23 -35.84 5.64
N THR C 335 17.40 -36.92 4.86
CA THR C 335 16.74 -37.06 3.56
C THR C 335 15.23 -37.08 3.74
N ARG C 336 14.80 -37.82 4.76
CA ARG C 336 13.40 -37.96 5.07
C ARG C 336 12.74 -36.64 5.48
N ALA C 337 13.46 -35.82 6.26
CA ALA C 337 12.94 -34.54 6.73
C ALA C 337 12.88 -33.46 5.65
N LYS C 338 13.94 -33.33 4.86
CA LYS C 338 13.96 -32.30 3.84
C LYS C 338 12.95 -32.58 2.74
N TYR C 339 12.78 -33.85 2.37
CA TYR C 339 11.82 -34.20 1.33
C TYR C 339 10.38 -34.06 1.81
N PHE C 340 10.17 -34.21 3.12
CA PHE C 340 8.85 -34.06 3.73
C PHE C 340 8.41 -32.60 3.61
N ILE C 341 9.31 -31.69 3.99
CA ILE C 341 9.03 -30.26 3.92
C ILE C 341 8.78 -29.81 2.48
N ARG C 342 9.44 -30.45 1.52
CA ARG C 342 9.26 -30.11 0.11
C ARG C 342 7.86 -30.54 -0.33
N ASP C 343 7.47 -31.74 0.09
CA ASP C 343 6.16 -32.30 -0.27
C ASP C 343 4.95 -31.54 0.28
N GLU C 344 5.06 -30.99 1.48
CA GLU C 344 3.97 -30.21 2.06
C GLU C 344 3.72 -29.01 1.14
N PHE C 345 4.80 -28.50 0.56
CA PHE C 345 4.73 -27.38 -0.37
C PHE C 345 4.23 -27.84 -1.75
N LEU C 346 4.60 -29.05 -2.14
CA LEU C 346 4.17 -29.61 -3.42
C LEU C 346 2.69 -29.98 -3.44
N ARG C 347 2.13 -30.35 -2.28
CA ARG C 347 0.71 -30.69 -2.18
C ARG C 347 -0.17 -29.52 -2.60
N ILE C 348 0.25 -28.32 -2.23
CA ILE C 348 -0.46 -27.09 -2.54
C ILE C 348 -0.35 -26.76 -4.02
N SER C 349 0.87 -26.81 -4.55
CA SER C 349 1.09 -26.50 -5.95
C SER C 349 0.43 -27.51 -6.89
N THR C 350 0.31 -28.76 -6.42
CA THR C 350 -0.30 -29.86 -7.17
C THR C 350 -1.82 -29.68 -7.30
N ALA C 351 -2.45 -29.23 -6.23
CA ALA C 351 -3.89 -29.03 -6.19
C ALA C 351 -4.51 -28.10 -7.23
N SER C 352 -3.79 -27.08 -7.70
CA SER C 352 -4.36 -26.15 -8.68
C SER C 352 -3.44 -25.65 -9.78
N GLY C 353 -3.97 -24.76 -10.62
CA GLY C 353 -3.22 -24.17 -11.74
C GLY C 353 -3.27 -25.00 -13.01
N ASP C 354 -2.84 -26.25 -12.89
CA ASP C 354 -2.80 -27.23 -13.97
C ASP C 354 -2.45 -26.70 -15.36
N GLY C 355 -1.16 -26.67 -15.64
CA GLY C 355 -0.70 -26.22 -16.93
C GLY C 355 -0.43 -24.74 -17.13
N ARG C 356 -1.13 -23.88 -16.41
CA ARG C 356 -0.92 -22.44 -16.59
C ARG C 356 0.42 -21.95 -16.01
N HIS C 357 0.86 -22.58 -14.92
CA HIS C 357 2.13 -22.24 -14.25
C HIS C 357 2.65 -23.43 -13.43
N TYR C 358 3.96 -23.46 -13.20
CA TYR C 358 4.56 -24.58 -12.45
C TYR C 358 5.44 -24.16 -11.28
N CYS C 359 5.75 -25.12 -10.42
CA CYS C 359 6.60 -24.89 -9.25
C CYS C 359 7.86 -25.75 -9.34
N TYR C 360 9.02 -25.09 -9.22
CA TYR C 360 10.34 -25.75 -9.29
C TYR C 360 11.12 -25.68 -7.96
N PRO C 361 11.09 -26.76 -7.16
CA PRO C 361 11.78 -26.82 -5.87
C PRO C 361 13.30 -26.91 -5.97
N HIS C 362 13.99 -26.47 -4.91
CA HIS C 362 15.45 -26.50 -4.82
C HIS C 362 15.86 -26.52 -3.34
N PHE C 363 16.82 -27.37 -2.98
CA PHE C 363 17.30 -27.44 -1.61
C PHE C 363 18.44 -26.42 -1.53
N THR C 364 18.30 -25.41 -0.68
CA THR C 364 19.34 -24.39 -0.59
C THR C 364 19.84 -24.01 0.80
N CYS C 365 20.97 -23.30 0.79
CA CYS C 365 21.64 -22.75 1.97
C CYS C 365 22.18 -21.39 1.51
N ALA C 366 21.40 -20.34 1.68
CA ALA C 366 21.75 -18.99 1.26
C ALA C 366 23.15 -18.47 1.58
N VAL C 367 23.65 -18.75 2.79
CA VAL C 367 24.97 -18.28 3.21
C VAL C 367 26.14 -19.00 2.55
N ASP C 368 25.85 -20.11 1.86
CA ASP C 368 26.86 -20.92 1.17
C ASP C 368 26.91 -20.54 -0.31
N THR C 369 27.79 -19.59 -0.64
CA THR C 369 27.95 -19.09 -2.01
C THR C 369 28.07 -20.15 -3.08
N GLU C 370 28.61 -21.30 -2.71
CA GLU C 370 28.79 -22.37 -3.65
C GLU C 370 27.48 -23.01 -4.05
N ASN C 371 26.62 -23.23 -3.06
CA ASN C 371 25.30 -23.81 -3.27
C ASN C 371 24.45 -22.83 -4.08
N ILE C 372 24.61 -21.54 -3.82
CA ILE C 372 23.85 -20.54 -4.56
C ILE C 372 24.23 -20.43 -6.02
N ARG C 373 25.52 -20.55 -6.35
CA ARG C 373 25.94 -20.48 -7.76
C ARG C 373 25.27 -21.65 -8.50
N ARG C 374 25.40 -22.83 -7.91
CA ARG C 374 24.83 -24.05 -8.46
C ARG C 374 23.32 -23.94 -8.67
N VAL C 375 22.58 -23.48 -7.67
CA VAL C 375 21.12 -23.38 -7.82
C VAL C 375 20.65 -22.25 -8.73
N PHE C 376 21.34 -21.10 -8.72
CA PHE C 376 20.94 -20.01 -9.60
C PHE C 376 21.20 -20.40 -11.06
N ASN C 377 22.17 -21.29 -11.28
CA ASN C 377 22.46 -21.76 -12.64
C ASN C 377 21.32 -22.64 -13.11
N ASP C 378 20.80 -23.47 -12.20
CA ASP C 378 19.67 -24.34 -12.49
C ASP C 378 18.47 -23.44 -12.77
N CYS C 379 18.44 -22.28 -12.13
CA CYS C 379 17.36 -21.31 -12.32
C CYS C 379 17.42 -20.70 -13.72
N ARG C 380 18.64 -20.45 -14.20
CA ARG C 380 18.84 -19.88 -15.52
C ARG C 380 18.36 -20.84 -16.60
N ASP C 381 18.42 -22.13 -16.29
CA ASP C 381 18.00 -23.20 -17.20
C ASP C 381 16.48 -23.23 -17.29
N ILE C 382 15.81 -23.11 -16.15
CA ILE C 382 14.36 -23.12 -16.08
C ILE C 382 13.73 -21.92 -16.79
N ILE C 383 14.30 -20.74 -16.56
CA ILE C 383 13.81 -19.51 -17.17
C ILE C 383 13.92 -19.49 -18.69
N GLN C 384 14.95 -20.13 -19.24
CA GLN C 384 15.14 -20.14 -20.69
C GLN C 384 14.41 -21.26 -21.45
N ARG C 385 14.16 -22.39 -20.78
CA ARG C 385 13.46 -23.53 -21.39
C ARG C 385 12.06 -23.17 -21.85
N MET C 386 11.44 -22.21 -21.15
CA MET C 386 10.10 -21.74 -21.52
C MET C 386 9.87 -20.23 -21.36
N LEU C 388 9.97 -19.76 -20.12
CA LEU C 388 9.77 -18.35 -19.77
C LEU C 388 10.66 -17.40 -20.58
MG MG D . -16.51 24.66 -1.53
C1 FOK E . -6.75 13.97 -7.81
O2 FOK E . -7.19 12.80 -8.54
C2 FOK E . -7.64 15.13 -8.25
C3 FOK E . -9.09 14.97 -7.82
C4 FOK E . -9.24 14.83 -6.27
C5 FOK E . -8.33 13.63 -5.84
C6 FOK E . -8.52 13.18 -4.36
O3 FOK E . -8.18 14.21 -3.43
C7 FOK E . -7.74 11.89 -4.07
O4 FOK E . -7.80 11.57 -2.65
C8 FOK E . -6.26 11.90 -4.43
O1 FOK E . -5.86 10.52 -4.31
C9 FOK E . -6.20 12.30 -5.93
O6 FOK E . -6.95 11.23 -6.59
C10 FOK E . -6.83 13.70 -6.28
C11 FOK E . -4.75 12.03 -6.39
O7 FOK E . -4.02 12.89 -6.86
C12 FOK E . -4.31 10.59 -6.23
C13 FOK E . -4.58 10.05 -4.82
C14 FOK E . -4.78 8.58 -4.95
C15 FOK E . -5.10 7.92 -5.93
C16 FOK E . -3.43 10.33 -3.89
C17 FOK E . -5.43 12.78 -3.47
C18 FOK E . -10.72 14.49 -6.01
C19 FOK E . -8.96 16.21 -5.61
C20 FOK E . -6.03 14.86 -5.65
C21 FOK E . -8.99 11.27 -2.07
O5 FOK E . -9.79 10.53 -2.57
C22 FOK E . -9.15 11.98 -0.71
O1 MES F . -0.66 16.09 11.86
C2 MES F . 0.20 15.42 10.96
C3 MES F . -0.48 15.11 9.66
N4 MES F . -0.94 16.33 8.99
C5 MES F . -1.82 17.12 10.00
C6 MES F . -1.09 17.32 11.29
C7 MES F . -1.59 16.09 7.70
C8 MES F . -1.50 17.25 6.72
S MES F . -3.04 17.48 5.85
O1S MES F . -4.03 17.76 6.85
O2S MES F . -3.30 16.26 5.14
O3S MES F . -2.84 18.60 4.96
P1 POP G . -17.88 24.05 1.64
O1 POP G . -19.10 24.19 2.49
O2 POP G . -18.06 24.70 0.32
O3 POP G . -17.44 22.65 1.46
O POP G . -16.67 24.84 2.41
P2 POP G . -15.21 25.39 1.94
O4 POP G . -15.31 26.89 1.86
O5 POP G . -14.89 24.75 0.62
O6 POP G . -14.23 24.92 2.98
P 101 H . -16.12 20.68 -1.52
O1P 101 H . -16.72 21.94 -1.02
O2P 101 H . -14.78 20.27 -1.05
O3P 101 H . -16.08 20.75 -3.01
O5' 101 H . -21.21 20.24 -0.58
C5' 101 H . -20.49 19.31 0.22
C4' 101 H . -19.40 18.66 -0.60
O4' 101 H . -19.99 17.73 -1.54
C3' 101 H . -18.56 19.65 -1.42
O3' 101 H . -17.15 19.46 -1.25
C2' 101 H . -18.98 19.37 -2.86
C1' 101 H . -19.39 17.91 -2.81
N9 101 H . -20.36 17.54 -3.84
C8 101 H . -21.66 17.97 -3.99
N7 101 H . -22.24 17.55 -5.09
C5 101 H . -21.26 16.77 -5.70
C6 101 H . -21.24 16.09 -6.93
N6 101 H . -22.25 16.07 -7.79
N1 101 H . -20.10 15.40 -7.25
C2 101 H . -19.08 15.43 -6.39
N3 101 H . -18.98 16.06 -5.22
C4 101 H . -20.11 16.73 -4.93
O1 MES I . -21.79 -2.91 13.78
C2 MES I . -22.01 -2.66 15.15
C3 MES I . -21.80 -1.23 15.51
N4 MES I . -22.69 -0.37 14.78
C5 MES I . -22.56 -0.67 13.26
C6 MES I . -22.71 -2.14 13.01
C7 MES I . -22.54 1.05 15.13
C8 MES I . -22.14 1.41 16.54
S MES I . -20.51 2.09 16.67
O1S MES I . -19.58 1.10 16.19
O2S MES I . -20.31 2.40 18.07
O3S MES I . -20.52 3.26 15.85
MG MG J . 15.41 -8.97 4.00
CL CL K . 9.99 -18.78 6.53
PG GSP L . 13.23 -10.00 5.93
O3B GSP L . 14.12 -11.22 5.90
S1G GSP L . 12.60 -9.51 7.67
O2G GSP L . 14.01 -8.84 5.44
O3G GSP L . 11.94 -10.34 5.25
PB GSP L . 15.00 -11.91 4.90
O1B GSP L . 14.21 -13.00 4.26
O2B GSP L . 15.62 -10.89 4.03
PA GSP L . 17.57 -12.47 5.72
O1A GSP L . 18.05 -12.68 4.33
O2A GSP L . 17.97 -11.25 6.46
O3A GSP L . 16.08 -12.55 5.72
O5' GSP L . 18.03 -13.72 6.58
C5' GSP L . 17.89 -13.72 8.01
C4' GSP L . 19.15 -14.24 8.66
O4' GSP L . 19.32 -15.66 8.43
C3' GSP L . 20.44 -13.57 8.21
O3' GSP L . 21.27 -13.34 9.34
C2' GSP L . 21.07 -14.63 7.30
O2' GSP L . 22.49 -14.60 7.27
C1' GSP L . 20.62 -15.92 7.92
N9 GSP L . 20.50 -16.98 6.92
C8 GSP L . 19.86 -16.88 5.72
N7 GSP L . 19.91 -17.98 5.01
C5 GSP L . 20.64 -18.86 5.79
C6 GSP L . 21.01 -20.20 5.56
O6 GSP L . 20.76 -20.89 4.57
N1 GSP L . 21.74 -20.72 6.60
C2 GSP L . 22.08 -20.06 7.74
N2 GSP L . 22.82 -20.76 8.62
N3 GSP L . 21.74 -18.79 7.99
C4 GSP L . 21.02 -18.26 6.98
#